data_8AWK
#
_entry.id   8AWK
#
_cell.length_a   53.277
_cell.length_b   76.465
_cell.length_c   68.469
_cell.angle_alpha   90.000
_cell.angle_beta   102.047
_cell.angle_gamma   90.000
#
_symmetry.space_group_name_H-M   'P 1 21 1'
#
loop_
_entity.id
_entity.type
_entity.pdbx_description
1 polymer 'Lysosomal acid glucosylceramidase'
2 branched alpha-D-mannopyranose-(1-6)-beta-D-mannopyranose-(1-4)-2-acetamido-2-deoxy-beta-D-glucopyranose-(1-4)-2-acetamido-2-deoxy-beta-D-glucopyranose
3 non-polymer 'SULFATE ION'
4 non-polymer 1,2-ETHANEDIOL
5 non-polymer 2-acetamido-2-deoxy-beta-D-glucopyranose
6 non-polymer (2~{S},3~{S},4~{R})-cyclohex-5-ene-1,2,3,4-tetrol
7 non-polymer 'SODIUM ION'
8 water water
#
_entity_poly.entity_id   1
_entity_poly.type   'polypeptide(L)'
_entity_poly.pdbx_seq_one_letter_code
;ARPCIPKSFGYSSVVCVCNATYCDSFDPPTFPALGTFSRYESTRSGRRMELSMGPIQANHTGTGLLLTLQPEQKFQKVKG
FGGAMTDAAALNILALSPPAQNLLLKSYFSEEGIGYNIIRVPMASCDFSIRTYTYADTPDDFQLHNFSLPEEDTKLKIPL
IHRALQLAQRPVSLLASPWTSPTWLKTNGAVNGKGSLKGQPGDIYHQTWARYFVKFLDAYAEHKLQFWAVTAENEPSAGL
LSGYPFQCLGFTPEHQRDFIARDLGPTLANSTHHNVRLLMLDDQRLLLPHWAKVVLTDPEAAKYVHGIAVHWYLDFLAPA
KATLGETHRLFPNTMLFASEACVGSKFWEQSVRLGSWDRGMQYSHSIITNLLYHVVGWTDWNLALNPEGGPNWVRNFVDS
PIIVDITKDTFYKQPMFYHLGHFSKFIPEGSQRVGLVASQKNDLDAVALMHPDGSAVVVVLNRSSKDVPLTIKDPAVGFL
ETISPGYSIHTYLWRRQ
;
_entity_poly.pdbx_strand_id   AAA
#
loop_
_chem_comp.id
_chem_comp.type
_chem_comp.name
_chem_comp.formula
BMA D-saccharide, beta linking beta-D-mannopyranose 'C6 H12 O6'
EDO non-polymer 1,2-ETHANEDIOL 'C2 H6 O2'
MAN D-saccharide, alpha linking alpha-D-mannopyranose 'C6 H12 O6'
NA non-polymer 'SODIUM ION' 'Na 1'
NAG D-saccharide, beta linking 2-acetamido-2-deoxy-beta-D-glucopyranose 'C8 H15 N O6'
OIW non-polymer (2~{S},3~{S},4~{R})-cyclohex-5-ene-1,2,3,4-tetrol 'C6 H10 O4'
SO4 non-polymer 'SULFATE ION' 'O4 S -2'
#
# COMPACT_ATOMS: atom_id res chain seq x y z
N ALA A 1 5.95 -23.57 3.30
CA ALA A 1 5.55 -24.97 3.20
C ALA A 1 5.85 -25.50 1.79
N ARG A 2 5.44 -24.81 0.72
CA ARG A 2 5.75 -25.25 -0.67
C ARG A 2 6.75 -24.28 -1.27
N PRO A 3 7.86 -24.76 -1.83
CA PRO A 3 8.88 -23.85 -2.34
C PRO A 3 8.52 -23.17 -3.67
N CYS A 4 9.18 -22.05 -3.90
CA CYS A 4 9.22 -21.32 -5.18
C CYS A 4 9.58 -22.31 -6.31
N ILE A 5 8.81 -22.32 -7.37
CA ILE A 5 9.24 -22.80 -8.71
C ILE A 5 9.82 -21.61 -9.46
N PRO A 6 11.16 -21.49 -9.58
CA PRO A 6 11.75 -20.28 -10.12
C PRO A 6 11.72 -20.29 -11.64
N LYS A 7 11.55 -19.10 -12.22
CA LYS A 7 11.72 -18.90 -13.66
C LYS A 7 12.39 -17.55 -13.88
N SER A 8 13.39 -17.55 -14.74
CA SER A 8 14.11 -16.35 -15.21
C SER A 8 13.49 -15.86 -16.51
N PHE A 9 13.32 -14.55 -16.62
CA PHE A 9 12.90 -13.88 -17.86
C PHE A 9 14.06 -13.00 -18.32
N GLY A 10 15.26 -13.25 -17.80
CA GLY A 10 16.47 -12.54 -18.24
C GLY A 10 16.74 -11.25 -17.47
N TYR A 11 16.00 -10.98 -16.40
CA TYR A 11 16.28 -9.83 -15.51
C TYR A 11 17.05 -10.35 -14.29
N SER A 12 17.27 -9.52 -13.27
CA SER A 12 18.31 -9.78 -12.24
C SER A 12 17.90 -10.92 -11.32
N SER A 13 16.61 -11.29 -11.23
CA SER A 13 16.21 -12.41 -10.36
C SER A 13 15.11 -13.21 -11.04
N VAL A 14 14.55 -14.14 -10.28
CA VAL A 14 13.49 -15.08 -10.74
C VAL A 14 12.12 -14.60 -10.25
N VAL A 15 11.08 -15.02 -10.95
CA VAL A 15 9.70 -15.08 -10.44
C VAL A 15 9.44 -16.49 -9.93
N CYS A 16 8.45 -16.61 -9.07
CA CYS A 16 7.89 -17.90 -8.61
C CYS A 16 6.64 -18.19 -9.43
N VAL A 17 6.61 -19.35 -10.06
CA VAL A 17 5.54 -19.76 -11.00
C VAL A 17 4.43 -20.48 -10.24
N CYS A 18 3.20 -20.02 -10.43
CA CYS A 18 1.99 -20.65 -9.85
C CYS A 18 0.98 -20.94 -10.96
N ASN A 19 0.13 -21.93 -10.73
CA ASN A 19 -0.91 -22.33 -11.72
C ASN A 19 -2.08 -22.97 -10.98
N ALA A 20 -2.95 -23.75 -11.64
CA ALA A 20 -4.22 -24.20 -11.05
C ALA A 20 -3.94 -25.18 -9.92
N THR A 21 -2.82 -25.90 -9.98
CA THR A 21 -2.50 -27.02 -9.04
C THR A 21 -1.34 -26.69 -8.07
N TYR A 22 -0.45 -25.76 -8.41
CA TYR A 22 0.73 -25.49 -7.55
C TYR A 22 0.94 -23.99 -7.33
N CYS A 23 1.24 -23.62 -6.10
CA CYS A 23 1.75 -22.28 -5.79
C CYS A 23 2.62 -22.39 -4.54
N ASP A 24 3.72 -21.66 -4.51
CA ASP A 24 4.62 -21.61 -3.34
C ASP A 24 3.82 -21.01 -2.19
N SER A 25 4.11 -21.44 -0.97
CA SER A 25 3.36 -21.03 0.22
C SER A 25 4.34 -20.93 1.38
N PHE A 26 3.92 -20.21 2.40
CA PHE A 26 4.64 -20.02 3.66
C PHE A 26 3.85 -20.68 4.78
N ASP A 27 4.52 -20.85 5.92
CA ASP A 27 3.77 -21.21 7.14
C ASP A 27 3.23 -19.92 7.73
N PRO A 28 2.15 -20.01 8.52
CA PRO A 28 1.65 -18.87 9.27
C PRO A 28 2.79 -18.43 10.17
N PRO A 29 2.93 -17.11 10.41
CA PRO A 29 4.02 -16.61 11.23
C PRO A 29 3.88 -17.09 12.69
N THR A 30 5.01 -17.44 13.32
N THR A 30 5.02 -17.28 13.34
CA THR A 30 5.14 -17.64 14.80
CA THR A 30 5.14 -17.64 14.77
C THR A 30 6.44 -16.99 15.28
C THR A 30 6.48 -17.13 15.32
N PHE A 31 6.51 -16.66 16.58
CA PHE A 31 7.78 -16.31 17.28
C PHE A 31 8.36 -17.64 17.76
N PRO A 32 9.68 -17.82 17.69
CA PRO A 32 10.33 -18.98 18.28
C PRO A 32 10.47 -18.79 19.79
N ALA A 33 10.95 -19.83 20.49
CA ALA A 33 11.15 -19.84 21.96
C ALA A 33 12.07 -18.69 22.38
N LEU A 34 11.79 -18.11 23.55
CA LEU A 34 12.67 -17.13 24.21
C LEU A 34 14.10 -17.67 24.18
N GLY A 35 15.08 -16.83 23.82
CA GLY A 35 16.49 -17.20 23.76
C GLY A 35 16.93 -17.57 22.35
N THR A 36 15.98 -17.69 21.40
N THR A 36 16.00 -17.74 21.41
CA THR A 36 16.16 -18.06 19.97
CA THR A 36 16.31 -17.94 19.98
C THR A 36 15.56 -16.95 19.09
C THR A 36 15.70 -16.79 19.17
N PHE A 37 16.16 -16.64 17.94
CA PHE A 37 15.56 -15.71 16.96
C PHE A 37 15.29 -16.48 15.69
N SER A 38 14.31 -16.02 14.93
CA SER A 38 14.02 -16.47 13.55
C SER A 38 14.54 -15.41 12.57
N ARG A 39 15.06 -15.90 11.44
N ARG A 39 15.01 -15.87 11.40
CA ARG A 39 15.53 -15.11 10.27
CA ARG A 39 15.51 -15.01 10.29
C ARG A 39 14.73 -15.61 9.06
C ARG A 39 14.92 -15.51 8.98
N TYR A 40 14.05 -14.70 8.36
CA TYR A 40 13.44 -14.99 7.04
C TYR A 40 14.29 -14.25 6.02
N GLU A 41 14.85 -14.95 5.04
CA GLU A 41 15.79 -14.36 4.07
C GLU A 41 15.26 -14.51 2.65
N SER A 42 15.29 -13.43 1.88
CA SER A 42 15.09 -13.47 0.43
C SER A 42 16.33 -12.86 -0.24
N THR A 43 16.79 -13.46 -1.32
CA THR A 43 18.01 -13.01 -2.03
C THR A 43 17.76 -12.91 -3.52
N ARG A 44 18.54 -12.07 -4.16
CA ARG A 44 18.54 -11.96 -5.64
C ARG A 44 18.84 -13.34 -6.25
N SER A 45 19.72 -14.11 -5.60
CA SER A 45 20.14 -15.45 -6.07
C SER A 45 18.95 -16.43 -6.06
N GLY A 46 17.84 -16.15 -5.35
CA GLY A 46 16.64 -16.98 -5.48
C GLY A 46 16.00 -17.44 -4.20
N ARG A 47 16.57 -17.16 -3.04
CA ARG A 47 15.95 -17.58 -1.76
C ARG A 47 14.69 -16.72 -1.57
N ARG A 48 13.60 -17.34 -1.13
CA ARG A 48 12.30 -16.67 -0.94
C ARG A 48 11.80 -16.93 0.48
N MET A 49 12.01 -15.97 1.37
CA MET A 49 11.64 -16.07 2.80
C MET A 49 12.05 -17.42 3.38
N GLU A 50 13.31 -17.79 3.19
CA GLU A 50 13.86 -19.01 3.79
C GLU A 50 14.03 -18.79 5.29
N LEU A 51 13.51 -19.71 6.09
CA LEU A 51 13.55 -19.64 7.58
C LEU A 51 14.84 -20.30 8.07
N SER A 52 15.57 -19.57 8.92
CA SER A 52 16.64 -20.16 9.75
C SER A 52 16.48 -19.61 11.16
N MET A 53 17.08 -20.27 12.13
CA MET A 53 17.01 -19.82 13.54
C MET A 53 18.41 -19.81 14.14
N GLY A 54 18.59 -18.99 15.16
CA GLY A 54 19.90 -18.86 15.82
C GLY A 54 19.71 -18.53 17.28
N PRO A 55 20.78 -18.63 18.09
CA PRO A 55 20.69 -18.36 19.51
C PRO A 55 20.88 -16.87 19.76
N ILE A 56 20.28 -16.39 20.83
CA ILE A 56 20.59 -15.04 21.35
C ILE A 56 21.66 -15.21 22.41
N GLN A 57 22.74 -14.44 22.30
N GLN A 57 22.77 -14.49 22.27
CA GLN A 57 23.95 -14.54 23.15
CA GLN A 57 23.95 -14.58 23.18
C GLN A 57 23.89 -13.48 24.26
C GLN A 57 23.83 -13.51 24.28
N ALA A 58 24.39 -13.79 25.45
CA ALA A 58 24.39 -12.83 26.58
C ALA A 58 25.40 -11.71 26.29
N ASN A 59 26.48 -11.99 25.56
CA ASN A 59 27.61 -11.06 25.40
C ASN A 59 27.96 -10.89 23.92
N HIS A 60 28.62 -9.78 23.61
CA HIS A 60 29.15 -9.50 22.26
C HIS A 60 30.44 -8.70 22.40
N THR A 61 31.43 -9.02 21.57
CA THR A 61 32.70 -8.26 21.43
C THR A 61 33.03 -8.10 19.95
N GLY A 62 33.61 -6.96 19.57
CA GLY A 62 34.18 -6.75 18.23
C GLY A 62 33.88 -5.37 17.68
N THR A 63 34.33 -5.11 16.46
CA THR A 63 34.35 -3.77 15.82
C THR A 63 33.31 -3.68 14.71
N GLY A 64 32.57 -4.78 14.49
CA GLY A 64 31.57 -4.84 13.43
C GLY A 64 30.36 -3.97 13.71
N LEU A 65 29.55 -3.78 12.70
CA LEU A 65 28.28 -3.01 12.81
C LEU A 65 27.38 -3.60 13.90
N LEU A 66 26.92 -2.74 14.80
CA LEU A 66 25.93 -3.08 15.85
C LEU A 66 24.68 -2.23 15.61
N LEU A 67 23.50 -2.85 15.51
CA LEU A 67 22.19 -2.16 15.53
C LEU A 67 21.58 -2.41 16.90
N THR A 68 21.31 -1.36 17.67
CA THR A 68 20.80 -1.46 19.04
C THR A 68 19.33 -1.07 19.08
N LEU A 69 18.49 -2.02 19.45
CA LEU A 69 17.04 -1.79 19.67
C LEU A 69 16.87 -0.79 20.80
N GLN A 70 15.95 0.15 20.62
N GLN A 70 15.93 0.14 20.61
CA GLN A 70 15.56 1.15 21.66
CA GLN A 70 15.49 1.14 21.61
C GLN A 70 14.06 0.89 21.93
C GLN A 70 14.01 0.88 21.90
N PRO A 71 13.69 -0.24 22.58
CA PRO A 71 12.28 -0.68 22.64
C PRO A 71 11.34 0.27 23.40
N GLU A 72 11.85 1.10 24.31
N GLU A 72 11.92 1.09 24.28
CA GLU A 72 10.97 2.02 25.06
CA GLU A 72 11.18 2.08 25.11
C GLU A 72 10.80 3.34 24.28
C GLU A 72 10.81 3.30 24.27
N GLN A 73 11.56 3.53 23.19
CA GLN A 73 11.40 4.72 22.31
C GLN A 73 10.32 4.38 21.30
N LYS A 74 9.15 5.00 21.42
CA LYS A 74 7.92 4.61 20.68
C LYS A 74 7.60 5.66 19.63
N PHE A 75 7.22 5.18 18.45
CA PHE A 75 6.79 6.05 17.34
C PHE A 75 5.35 5.68 17.00
N GLN A 76 5.06 5.52 15.72
CA GLN A 76 3.68 5.37 15.22
C GLN A 76 3.24 3.92 15.38
N LYS A 77 1.92 3.75 15.52
N LYS A 77 1.93 3.72 15.48
CA LYS A 77 1.20 2.45 15.41
CA LYS A 77 1.33 2.37 15.38
C LYS A 77 1.00 2.15 13.91
C LYS A 77 0.87 2.12 13.95
N VAL A 78 1.06 0.87 13.53
CA VAL A 78 0.88 0.42 12.13
C VAL A 78 -0.59 0.11 11.87
N LYS A 79 -1.12 0.67 10.78
CA LYS A 79 -2.46 0.32 10.28
C LYS A 79 -2.38 -0.94 9.41
N GLY A 80 -1.44 -1.00 8.47
CA GLY A 80 -1.20 -2.22 7.70
C GLY A 80 -0.73 -2.00 6.28
N PHE A 81 -0.96 -3.03 5.46
CA PHE A 81 -0.34 -3.20 4.14
C PHE A 81 -1.37 -3.83 3.21
N GLY A 82 -1.37 -3.44 1.95
CA GLY A 82 -2.21 -4.15 0.97
C GLY A 82 -2.04 -3.63 -0.42
N GLY A 83 -3.12 -3.68 -1.18
CA GLY A 83 -3.08 -3.32 -2.61
C GLY A 83 -4.47 -2.95 -3.12
N ALA A 84 -4.57 -2.72 -4.42
CA ALA A 84 -5.75 -2.11 -5.04
C ALA A 84 -6.52 -3.12 -5.88
N MET A 85 -7.82 -3.21 -5.61
CA MET A 85 -8.78 -3.99 -6.43
C MET A 85 -9.36 -3.09 -7.53
N THR A 86 -8.52 -2.74 -8.50
CA THR A 86 -8.92 -2.04 -9.74
C THR A 86 -9.74 -2.98 -10.62
N ASP A 87 -10.47 -2.41 -11.55
CA ASP A 87 -11.10 -3.22 -12.64
C ASP A 87 -10.03 -4.09 -13.29
N ALA A 88 -8.86 -3.53 -13.63
CA ALA A 88 -7.80 -4.30 -14.31
C ALA A 88 -7.37 -5.48 -13.44
N ALA A 89 -7.19 -5.29 -12.13
CA ALA A 89 -6.75 -6.40 -11.25
C ALA A 89 -7.85 -7.47 -11.24
N ALA A 90 -9.10 -7.07 -11.08
CA ALA A 90 -10.25 -8.02 -11.01
C ALA A 90 -10.33 -8.81 -12.32
N LEU A 91 -10.20 -8.15 -13.47
CA LEU A 91 -10.28 -8.86 -14.79
C LEU A 91 -9.14 -9.89 -14.89
N ASN A 92 -7.92 -9.51 -14.48
CA ASN A 92 -6.74 -10.41 -14.55
C ASN A 92 -6.96 -11.60 -13.62
N ILE A 93 -7.40 -11.37 -12.39
CA ILE A 93 -7.64 -12.49 -11.45
C ILE A 93 -8.73 -13.41 -12.01
N LEU A 94 -9.83 -12.86 -12.49
CA LEU A 94 -10.98 -13.69 -12.92
C LEU A 94 -10.70 -14.36 -14.27
N ALA A 95 -9.65 -13.95 -14.98
CA ALA A 95 -9.23 -14.60 -16.24
C ALA A 95 -8.55 -15.94 -15.95
N LEU A 96 -8.10 -16.16 -14.70
CA LEU A 96 -7.49 -17.45 -14.27
C LEU A 96 -8.59 -18.47 -14.00
N SER A 97 -8.29 -19.77 -14.07
CA SER A 97 -9.23 -20.83 -13.64
C SER A 97 -9.54 -20.64 -12.16
N PRO A 98 -10.72 -21.04 -11.66
CA PRO A 98 -11.04 -20.85 -10.25
C PRO A 98 -10.00 -21.38 -9.27
N PRO A 99 -9.37 -22.54 -9.46
CA PRO A 99 -8.32 -22.95 -8.54
C PRO A 99 -7.08 -22.03 -8.56
N ALA A 100 -6.66 -21.56 -9.73
CA ALA A 100 -5.57 -20.57 -9.85
C ALA A 100 -5.99 -19.26 -9.16
N GLN A 101 -7.24 -18.83 -9.35
CA GLN A 101 -7.75 -17.60 -8.68
C GLN A 101 -7.55 -17.76 -7.17
N ASN A 102 -7.95 -18.91 -6.64
CA ASN A 102 -7.91 -19.14 -5.18
C ASN A 102 -6.45 -19.11 -4.71
N LEU A 103 -5.53 -19.67 -5.47
CA LEU A 103 -4.10 -19.64 -5.07
C LEU A 103 -3.53 -18.21 -5.13
N LEU A 104 -4.00 -17.39 -6.07
CA LEU A 104 -3.56 -15.97 -6.16
C LEU A 104 -4.10 -15.22 -4.93
N LEU A 105 -5.40 -15.36 -4.65
CA LEU A 105 -6.03 -14.65 -3.50
C LEU A 105 -5.37 -15.13 -2.19
N LYS A 106 -5.06 -16.43 -2.07
CA LYS A 106 -4.39 -16.95 -0.85
C LYS A 106 -2.98 -16.35 -0.72
N SER A 107 -2.28 -16.15 -1.84
CA SER A 107 -0.91 -15.57 -1.87
C SER A 107 -0.93 -14.23 -1.14
N TYR A 108 -1.95 -13.42 -1.38
CA TYR A 108 -2.05 -12.09 -0.74
C TYR A 108 -2.70 -12.15 0.64
N PHE A 109 -3.81 -12.87 0.81
CA PHE A 109 -4.77 -12.62 1.91
C PHE A 109 -4.72 -13.69 3.02
N SER A 110 -4.17 -14.87 2.76
N SER A 110 -4.14 -14.86 2.73
CA SER A 110 -4.12 -15.94 3.78
CA SER A 110 -4.02 -15.99 3.69
C SER A 110 -2.81 -15.82 4.58
C SER A 110 -2.79 -15.79 4.59
N GLU A 111 -2.75 -16.49 5.73
CA GLU A 111 -1.54 -16.57 6.57
C GLU A 111 -0.56 -17.59 5.97
N GLU A 112 -0.96 -18.38 4.96
CA GLU A 112 0.01 -19.13 4.12
C GLU A 112 0.58 -18.22 3.03
N GLY A 113 0.03 -17.02 2.90
CA GLY A 113 0.53 -16.00 1.97
C GLY A 113 1.12 -14.85 2.76
N ILE A 114 0.89 -13.60 2.35
CA ILE A 114 1.62 -12.46 2.98
C ILE A 114 0.69 -11.60 3.84
N GLY A 115 -0.52 -12.08 4.14
CA GLY A 115 -1.37 -11.50 5.19
C GLY A 115 -1.73 -10.04 5.00
N TYR A 116 -2.02 -9.62 3.77
CA TYR A 116 -2.59 -8.27 3.49
C TYR A 116 -3.78 -7.97 4.38
N ASN A 117 -3.91 -6.72 4.80
CA ASN A 117 -5.10 -6.32 5.60
C ASN A 117 -5.72 -5.04 5.08
N ILE A 118 -5.30 -4.55 3.89
CA ILE A 118 -5.88 -3.32 3.29
C ILE A 118 -6.22 -3.59 1.84
N ILE A 119 -7.41 -3.19 1.41
CA ILE A 119 -7.76 -3.18 -0.04
C ILE A 119 -8.23 -1.78 -0.41
N ARG A 120 -7.57 -1.16 -1.40
CA ARG A 120 -8.00 0.14 -1.96
C ARG A 120 -8.94 -0.14 -3.14
N VAL A 121 -10.04 0.58 -3.19
CA VAL A 121 -11.18 0.30 -4.09
C VAL A 121 -11.48 1.60 -4.83
N PRO A 122 -11.22 1.69 -6.15
CA PRO A 122 -11.62 2.87 -6.90
C PRO A 122 -13.15 3.04 -6.88
N MET A 123 -13.58 4.30 -6.72
CA MET A 123 -14.99 4.71 -6.89
C MET A 123 -15.22 4.94 -8.39
N ALA A 124 -15.73 3.92 -9.07
CA ALA A 124 -15.94 3.87 -10.54
C ALA A 124 -14.60 3.83 -11.29
N SER A 125 -14.54 4.35 -12.53
CA SER A 125 -13.46 4.02 -13.48
C SER A 125 -12.20 4.83 -13.17
N CYS A 126 -11.06 4.23 -13.46
CA CYS A 126 -9.76 4.95 -13.51
C CYS A 126 -9.02 4.51 -14.77
N ASP A 127 -7.73 4.80 -14.90
CA ASP A 127 -6.96 4.41 -16.10
C ASP A 127 -6.93 2.88 -16.16
N PHE A 128 -6.91 2.20 -15.00
CA PHE A 128 -6.89 0.72 -14.89
C PHE A 128 -8.33 0.18 -14.92
N SER A 129 -9.02 0.58 -16.00
CA SER A 129 -10.37 0.20 -16.42
C SER A 129 -10.32 0.08 -17.94
N ILE A 130 -11.23 -0.73 -18.48
CA ILE A 130 -11.33 -0.90 -19.95
C ILE A 130 -12.50 -0.06 -20.49
N ARG A 131 -13.29 0.52 -19.59
CA ARG A 131 -14.51 1.34 -19.88
C ARG A 131 -14.41 2.64 -19.06
N THR A 132 -14.85 3.77 -19.60
CA THR A 132 -14.97 5.04 -18.84
C THR A 132 -16.42 5.15 -18.37
N TYR A 133 -16.63 5.37 -17.09
CA TYR A 133 -17.97 5.39 -16.49
C TYR A 133 -17.82 6.02 -15.11
N THR A 134 -18.91 6.61 -14.62
CA THR A 134 -19.08 6.93 -13.19
C THR A 134 -20.31 6.17 -12.75
N TYR A 135 -20.69 6.37 -11.50
CA TYR A 135 -21.91 5.76 -10.93
C TYR A 135 -23.13 6.63 -11.27
N ALA A 136 -22.96 7.81 -11.87
CA ALA A 136 -24.11 8.73 -12.10
C ALA A 136 -23.92 9.51 -13.40
N ASP A 137 -23.98 8.79 -14.52
CA ASP A 137 -23.66 9.37 -15.84
C ASP A 137 -24.93 9.96 -16.49
N THR A 138 -26.11 9.73 -15.93
CA THR A 138 -27.35 10.40 -16.44
C THR A 138 -27.21 11.89 -16.19
N PRO A 139 -27.21 12.75 -17.25
CA PRO A 139 -26.91 14.17 -17.11
C PRO A 139 -27.86 14.93 -16.18
N ASP A 140 -27.29 15.86 -15.41
CA ASP A 140 -27.99 16.83 -14.52
C ASP A 140 -28.86 16.12 -13.50
N ASP A 141 -28.47 14.92 -13.07
CA ASP A 141 -29.19 14.13 -12.04
C ASP A 141 -28.72 14.57 -10.63
N PHE A 142 -29.01 15.81 -10.24
CA PHE A 142 -28.53 16.37 -8.95
C PHE A 142 -29.12 15.60 -7.77
N GLN A 143 -30.29 14.99 -7.94
CA GLN A 143 -30.94 14.16 -6.89
C GLN A 143 -30.19 12.81 -6.78
N LEU A 144 -29.38 12.47 -7.78
CA LEU A 144 -28.69 11.14 -7.91
C LEU A 144 -29.72 10.01 -7.85
N HIS A 145 -30.88 10.19 -8.48
CA HIS A 145 -31.89 9.10 -8.62
C HIS A 145 -31.35 7.96 -9.48
N ASN A 146 -30.45 8.25 -10.42
CA ASN A 146 -29.91 7.25 -11.39
C ASN A 146 -28.51 6.81 -10.94
N PHE A 147 -28.13 7.06 -9.68
CA PHE A 147 -26.87 6.50 -9.11
C PHE A 147 -27.00 4.97 -9.09
N SER A 148 -26.03 4.24 -9.64
N SER A 148 -25.98 4.28 -9.59
CA SER A 148 -26.03 2.76 -9.50
CA SER A 148 -25.98 2.80 -9.72
C SER A 148 -24.64 2.18 -9.77
C SER A 148 -24.55 2.27 -9.68
N LEU A 149 -24.36 1.08 -9.10
CA LEU A 149 -23.13 0.27 -9.33
C LEU A 149 -23.33 -0.57 -10.57
N PRO A 150 -22.40 -0.47 -11.55
CA PRO A 150 -22.42 -1.35 -12.71
C PRO A 150 -21.79 -2.71 -12.39
N GLU A 151 -21.69 -3.57 -13.40
CA GLU A 151 -21.17 -4.93 -13.22
C GLU A 151 -19.69 -4.92 -12.82
N GLU A 152 -18.93 -3.87 -13.13
CA GLU A 152 -17.50 -3.80 -12.70
C GLU A 152 -17.45 -3.99 -11.17
N ASP A 153 -18.40 -3.39 -10.45
CA ASP A 153 -18.52 -3.54 -8.98
C ASP A 153 -19.28 -4.83 -8.64
N THR A 154 -20.50 -5.01 -9.14
CA THR A 154 -21.41 -6.08 -8.62
C THR A 154 -20.94 -7.48 -9.06
N LYS A 155 -20.31 -7.61 -10.21
CA LYS A 155 -19.89 -8.93 -10.74
C LYS A 155 -18.40 -9.19 -10.54
N LEU A 156 -17.54 -8.17 -10.55
CA LEU A 156 -16.06 -8.33 -10.54
C LEU A 156 -15.49 -7.98 -9.18
N LYS A 157 -15.50 -6.70 -8.81
CA LYS A 157 -14.75 -6.23 -7.61
C LYS A 157 -15.38 -6.74 -6.31
N ILE A 158 -16.69 -6.55 -6.14
CA ILE A 158 -17.36 -6.91 -4.85
C ILE A 158 -17.22 -8.41 -4.56
N PRO A 159 -17.50 -9.34 -5.48
CA PRO A 159 -17.33 -10.76 -5.16
C PRO A 159 -15.89 -11.19 -4.85
N LEU A 160 -14.90 -10.60 -5.55
CA LEU A 160 -13.49 -10.85 -5.23
C LEU A 160 -13.16 -10.31 -3.84
N ILE A 161 -13.66 -9.14 -3.46
CA ILE A 161 -13.38 -8.56 -2.12
C ILE A 161 -13.97 -9.53 -1.09
N HIS A 162 -15.17 -10.03 -1.31
CA HIS A 162 -15.76 -11.03 -0.38
C HIS A 162 -14.84 -12.25 -0.27
N ARG A 163 -14.29 -12.72 -1.38
CA ARG A 163 -13.45 -13.95 -1.33
C ARG A 163 -12.16 -13.64 -0.56
N ALA A 164 -11.60 -12.43 -0.73
CA ALA A 164 -10.38 -12.04 -0.02
C ALA A 164 -10.68 -12.05 1.48
N LEU A 165 -11.80 -11.45 1.88
CA LEU A 165 -12.19 -11.32 3.32
C LEU A 165 -12.35 -12.72 3.92
N GLN A 166 -12.91 -13.66 3.16
CA GLN A 166 -13.14 -15.04 3.68
C GLN A 166 -11.78 -15.69 3.95
N LEU A 167 -10.76 -15.39 3.14
CA LEU A 167 -9.42 -16.01 3.30
C LEU A 167 -8.63 -15.34 4.42
N ALA A 168 -8.83 -14.04 4.63
CA ALA A 168 -8.08 -13.24 5.62
C ALA A 168 -8.48 -13.67 7.03
N GLN A 169 -7.49 -13.91 7.90
CA GLN A 169 -7.69 -14.16 9.35
C GLN A 169 -7.63 -12.82 10.09
N ARG A 170 -6.92 -11.85 9.54
CA ARG A 170 -6.84 -10.50 10.13
C ARG A 170 -8.04 -9.71 9.65
N PRO A 171 -8.56 -8.75 10.46
CA PRO A 171 -9.55 -7.81 9.97
C PRO A 171 -8.99 -7.00 8.79
N VAL A 172 -9.75 -6.90 7.71
CA VAL A 172 -9.31 -6.18 6.48
C VAL A 172 -10.01 -4.81 6.45
N SER A 173 -9.25 -3.76 6.14
CA SER A 173 -9.71 -2.36 6.05
C SER A 173 -9.83 -2.00 4.56
N LEU A 174 -11.03 -1.60 4.13
CA LEU A 174 -11.21 -1.11 2.75
C LEU A 174 -10.99 0.40 2.71
N LEU A 175 -10.35 0.89 1.65
CA LEU A 175 -10.10 2.33 1.43
C LEU A 175 -10.67 2.70 0.07
N ALA A 176 -11.58 3.67 -0.01
CA ALA A 176 -12.18 4.09 -1.29
C ALA A 176 -11.59 5.42 -1.74
N SER A 177 -11.42 5.58 -3.05
CA SER A 177 -10.85 6.80 -3.67
C SER A 177 -11.54 7.04 -5.01
N PRO A 178 -12.03 8.27 -5.31
CA PRO A 178 -12.52 8.57 -6.65
C PRO A 178 -11.48 9.22 -7.56
N TRP A 179 -11.54 8.94 -8.86
CA TRP A 179 -10.68 9.60 -9.88
C TRP A 179 -11.44 10.78 -10.50
N THR A 180 -12.64 10.54 -10.99
CA THR A 180 -13.46 11.61 -11.61
C THR A 180 -14.87 11.55 -11.06
N SER A 181 -15.52 12.72 -11.06
CA SER A 181 -16.99 12.88 -10.91
C SER A 181 -17.66 12.64 -12.26
N PRO A 182 -19.00 12.48 -12.25
CA PRO A 182 -19.80 12.67 -13.46
C PRO A 182 -19.36 13.95 -14.19
N THR A 183 -19.32 13.91 -15.51
CA THR A 183 -18.78 15.01 -16.35
C THR A 183 -19.71 16.23 -16.25
N TRP A 184 -21.00 16.02 -15.94
CA TRP A 184 -21.99 17.13 -15.86
C TRP A 184 -21.76 17.92 -14.56
N LEU A 185 -20.91 17.44 -13.63
CA LEU A 185 -20.49 18.24 -12.46
C LEU A 185 -19.20 19.00 -12.73
N LYS A 186 -18.60 18.87 -13.92
CA LYS A 186 -17.22 19.36 -14.16
C LYS A 186 -17.18 20.54 -15.14
N THR A 187 -16.24 21.45 -14.90
CA THR A 187 -16.00 22.67 -15.70
C THR A 187 -15.69 22.31 -17.15
N ASN A 188 -15.05 21.17 -17.40
CA ASN A 188 -14.57 20.79 -18.77
C ASN A 188 -15.52 19.75 -19.41
N GLY A 189 -16.48 19.21 -18.66
CA GLY A 189 -17.45 18.22 -19.18
C GLY A 189 -16.78 16.98 -19.77
N ALA A 190 -15.65 16.55 -19.20
CA ALA A 190 -14.88 15.38 -19.67
C ALA A 190 -14.25 14.69 -18.45
N VAL A 191 -14.06 13.36 -18.52
CA VAL A 191 -13.50 12.56 -17.37
C VAL A 191 -12.04 12.93 -17.12
N ASN A 192 -11.33 13.36 -18.17
CA ASN A 192 -9.87 13.65 -18.16
C ASN A 192 -9.66 15.13 -18.48
N GLY A 193 -8.41 15.53 -18.64
CA GLY A 193 -8.06 16.93 -18.99
C GLY A 193 -8.12 17.81 -17.77
N LYS A 194 -7.79 19.09 -17.94
CA LYS A 194 -7.85 20.10 -16.86
C LYS A 194 -9.31 20.44 -16.57
N GLY A 195 -9.78 20.16 -15.36
CA GLY A 195 -11.17 20.43 -15.02
C GLY A 195 -11.43 20.10 -13.57
N SER A 196 -12.24 20.93 -12.95
CA SER A 196 -12.62 20.82 -11.53
C SER A 196 -14.15 20.72 -11.45
N LEU A 197 -14.68 20.56 -10.25
CA LEU A 197 -16.12 20.72 -10.04
C LEU A 197 -16.50 22.13 -10.49
N LYS A 198 -17.68 22.26 -11.07
CA LYS A 198 -18.27 23.58 -11.39
C LYS A 198 -18.51 24.35 -10.09
N GLY A 199 -18.53 25.67 -10.20
CA GLY A 199 -18.89 26.56 -9.07
C GLY A 199 -17.86 26.52 -7.96
N GLN A 200 -18.33 26.45 -6.73
CA GLN A 200 -17.47 26.62 -5.52
C GLN A 200 -18.03 25.78 -4.40
N PRO A 201 -17.17 25.29 -3.48
CA PRO A 201 -17.64 24.61 -2.27
C PRO A 201 -18.84 25.27 -1.60
N GLY A 202 -19.77 24.43 -1.11
CA GLY A 202 -21.03 24.85 -0.47
C GLY A 202 -22.18 24.97 -1.46
N ASP A 203 -21.95 24.76 -2.76
CA ASP A 203 -23.01 24.98 -3.78
C ASP A 203 -23.62 23.65 -4.21
N ILE A 204 -24.58 23.69 -5.12
CA ILE A 204 -25.31 22.48 -5.57
C ILE A 204 -24.32 21.46 -6.16
N TYR A 205 -23.31 21.87 -6.92
CA TYR A 205 -22.39 20.88 -7.57
C TYR A 205 -21.59 20.13 -6.48
N HIS A 206 -21.10 20.87 -5.49
CA HIS A 206 -20.25 20.34 -4.41
C HIS A 206 -21.10 19.49 -3.45
N GLN A 207 -22.33 19.91 -3.15
N GLN A 207 -22.30 19.97 -3.14
CA GLN A 207 -23.24 19.14 -2.27
CA GLN A 207 -23.36 19.26 -2.36
C GLN A 207 -23.63 17.83 -2.98
C GLN A 207 -23.63 17.89 -2.98
N THR A 208 -23.86 17.86 -4.29
CA THR A 208 -24.18 16.63 -5.09
C THR A 208 -22.97 15.69 -5.05
N TRP A 209 -21.78 16.22 -5.27
CA TRP A 209 -20.55 15.39 -5.26
C TRP A 209 -20.34 14.76 -3.88
N ALA A 210 -20.52 15.50 -2.79
CA ALA A 210 -20.45 14.96 -1.42
C ALA A 210 -21.50 13.85 -1.22
N ARG A 211 -22.72 14.05 -1.71
N ARG A 211 -22.73 14.05 -1.71
CA ARG A 211 -23.80 13.04 -1.58
CA ARG A 211 -23.80 13.03 -1.56
C ARG A 211 -23.43 11.76 -2.34
C ARG A 211 -23.44 11.76 -2.35
N TYR A 212 -22.69 11.89 -3.45
CA TYR A 212 -22.22 10.75 -4.27
C TYR A 212 -21.35 9.81 -3.42
N PHE A 213 -20.55 10.36 -2.51
CA PHE A 213 -19.72 9.53 -1.59
C PHE A 213 -20.66 8.68 -0.71
N VAL A 214 -21.73 9.30 -0.18
CA VAL A 214 -22.68 8.56 0.71
C VAL A 214 -23.42 7.49 -0.10
N LYS A 215 -23.84 7.80 -1.32
N LYS A 215 -23.85 7.83 -1.31
CA LYS A 215 -24.55 6.82 -2.17
CA LYS A 215 -24.53 6.87 -2.22
C LYS A 215 -23.61 5.66 -2.51
C LYS A 215 -23.61 5.67 -2.46
N PHE A 216 -22.32 5.93 -2.70
CA PHE A 216 -21.29 4.89 -2.92
C PHE A 216 -21.22 3.99 -1.69
N LEU A 217 -21.04 4.57 -0.51
CA LEU A 217 -20.94 3.79 0.74
C LEU A 217 -22.26 3.05 1.01
N ASP A 218 -23.41 3.66 0.71
CA ASP A 218 -24.71 2.97 0.89
C ASP A 218 -24.74 1.72 0.01
N ALA A 219 -24.34 1.83 -1.26
CA ALA A 219 -24.48 0.73 -2.22
C ALA A 219 -23.51 -0.39 -1.84
N TYR A 220 -22.28 -0.08 -1.44
CA TYR A 220 -21.34 -1.13 -1.00
C TYR A 220 -21.89 -1.79 0.28
N ALA A 221 -22.50 -1.02 1.19
CA ALA A 221 -23.12 -1.56 2.42
C ALA A 221 -24.29 -2.51 2.09
N GLU A 222 -25.09 -2.23 1.07
CA GLU A 222 -26.15 -3.18 0.60
C GLU A 222 -25.49 -4.49 0.17
N HIS A 223 -24.24 -4.43 -0.27
CA HIS A 223 -23.43 -5.62 -0.68
C HIS A 223 -22.59 -6.16 0.49
N LYS A 224 -22.85 -5.73 1.71
CA LYS A 224 -22.26 -6.27 2.96
C LYS A 224 -20.76 -5.94 3.02
N LEU A 225 -20.36 -4.79 2.48
CA LEU A 225 -18.97 -4.27 2.62
C LEU A 225 -19.03 -2.90 3.30
N GLN A 226 -18.18 -2.72 4.31
CA GLN A 226 -18.05 -1.47 5.08
C GLN A 226 -16.62 -0.96 4.85
N PHE A 227 -16.46 0.36 4.80
CA PHE A 227 -15.17 1.03 4.56
C PHE A 227 -14.57 1.51 5.87
N TRP A 228 -13.26 1.33 5.98
CA TRP A 228 -12.39 1.95 7.01
C TRP A 228 -12.26 3.46 6.71
N ALA A 229 -11.96 3.81 5.45
CA ALA A 229 -11.64 5.20 5.07
C ALA A 229 -12.02 5.45 3.62
N VAL A 230 -12.18 6.74 3.32
CA VAL A 230 -12.22 7.27 1.93
C VAL A 230 -11.15 8.37 1.82
N THR A 231 -10.69 8.63 0.62
CA THR A 231 -9.89 9.84 0.33
C THR A 231 -10.77 10.88 -0.36
N ALA A 232 -10.37 12.13 -0.22
CA ALA A 232 -11.13 13.29 -0.69
C ALA A 232 -11.10 13.37 -2.22
N GLU A 233 -10.22 12.61 -2.86
CA GLU A 233 -9.97 12.59 -4.32
C GLU A 233 -8.61 11.91 -4.56
N ASN A 234 -8.51 11.05 -5.58
CA ASN A 234 -7.18 10.54 -6.01
C ASN A 234 -6.43 11.67 -6.73
N GLU A 235 -5.22 12.01 -6.28
CA GLU A 235 -4.28 12.92 -7.02
C GLU A 235 -5.03 14.16 -7.49
N PRO A 236 -5.59 14.94 -6.56
CA PRO A 236 -6.33 16.17 -6.92
C PRO A 236 -5.47 17.16 -7.73
N SER A 237 -4.15 17.13 -7.55
CA SER A 237 -3.21 18.00 -8.32
C SER A 237 -3.29 17.66 -9.82
N ALA A 238 -3.68 16.44 -10.20
CA ALA A 238 -3.67 15.97 -11.60
C ALA A 238 -4.65 16.81 -12.44
N GLY A 239 -5.84 17.09 -11.92
CA GLY A 239 -6.90 17.78 -12.69
C GLY A 239 -6.61 19.27 -12.87
N LEU A 240 -5.49 19.75 -12.33
CA LEU A 240 -5.00 21.15 -12.52
C LEU A 240 -4.11 21.20 -13.77
N LEU A 241 -3.79 20.06 -14.38
CA LEU A 241 -2.78 19.96 -15.46
C LEU A 241 -3.48 19.94 -16.82
N SER A 242 -3.11 20.90 -17.68
N SER A 242 -3.15 20.91 -17.68
CA SER A 242 -3.49 20.92 -19.11
CA SER A 242 -3.63 20.94 -19.08
C SER A 242 -3.27 19.53 -19.69
C SER A 242 -3.29 19.60 -19.71
N GLY A 243 -4.28 18.96 -20.32
CA GLY A 243 -4.13 17.74 -21.14
C GLY A 243 -3.96 16.50 -20.29
N TYR A 244 -4.31 16.52 -19.00
CA TYR A 244 -4.12 15.31 -18.17
C TYR A 244 -4.81 14.13 -18.86
N PRO A 245 -4.09 13.00 -19.12
CA PRO A 245 -4.60 11.97 -20.03
C PRO A 245 -5.74 11.05 -19.55
N PHE A 246 -5.97 10.91 -18.24
CA PHE A 246 -7.01 9.96 -17.75
C PHE A 246 -7.82 10.60 -16.62
N GLN A 247 -8.76 9.83 -16.06
CA GLN A 247 -9.79 10.32 -15.11
C GLN A 247 -9.13 11.13 -14.00
N CYS A 248 -9.65 12.32 -13.74
CA CYS A 248 -9.10 13.25 -12.73
C CYS A 248 -10.16 14.27 -12.34
N LEU A 249 -9.89 15.01 -11.26
CA LEU A 249 -10.82 16.05 -10.77
C LEU A 249 -9.96 17.01 -9.95
N GLY A 250 -9.70 18.17 -10.54
CA GLY A 250 -8.70 19.12 -10.03
C GLY A 250 -9.18 19.81 -8.77
N PHE A 251 -8.34 19.83 -7.75
CA PHE A 251 -8.47 20.71 -6.57
C PHE A 251 -7.11 21.31 -6.23
N THR A 252 -7.04 22.64 -6.09
CA THR A 252 -6.00 23.32 -5.30
C THR A 252 -6.16 22.89 -3.85
N PRO A 253 -5.16 23.10 -2.98
CA PRO A 253 -5.33 22.78 -1.57
C PRO A 253 -6.42 23.64 -0.92
N GLU A 254 -6.59 24.88 -1.35
CA GLU A 254 -7.69 25.75 -0.87
C GLU A 254 -9.06 25.14 -1.23
N HIS A 255 -9.21 24.65 -2.46
CA HIS A 255 -10.44 24.03 -2.96
C HIS A 255 -10.72 22.77 -2.14
N GLN A 256 -9.70 21.94 -1.89
CA GLN A 256 -9.89 20.73 -1.04
C GLN A 256 -10.29 21.14 0.40
N ARG A 257 -9.64 22.13 1.00
CA ARG A 257 -9.97 22.61 2.36
C ARG A 257 -11.47 22.95 2.43
N ASP A 258 -11.94 23.77 1.50
CA ASP A 258 -13.33 24.31 1.58
C ASP A 258 -14.34 23.22 1.23
N PHE A 259 -14.02 22.30 0.31
CA PHE A 259 -14.90 21.16 -0.03
C PHE A 259 -15.05 20.25 1.19
N ILE A 260 -13.96 19.94 1.86
CA ILE A 260 -14.01 19.12 3.10
C ILE A 260 -14.85 19.83 4.16
N ALA A 261 -14.57 21.10 4.43
CA ALA A 261 -15.21 21.86 5.52
C ALA A 261 -16.70 22.02 5.23
N ARG A 262 -17.07 22.34 4.00
CA ARG A 262 -18.47 22.75 3.67
C ARG A 262 -19.32 21.56 3.24
N ASP A 263 -18.75 20.58 2.53
CA ASP A 263 -19.55 19.59 1.77
C ASP A 263 -19.22 18.19 2.27
N LEU A 264 -18.01 17.70 2.05
CA LEU A 264 -17.75 16.25 2.28
C LEU A 264 -17.78 15.89 3.78
N GLY A 265 -17.13 16.69 4.63
CA GLY A 265 -17.10 16.46 6.08
C GLY A 265 -18.49 16.39 6.67
N PRO A 266 -19.27 17.49 6.57
CA PRO A 266 -20.62 17.54 7.10
C PRO A 266 -21.53 16.43 6.53
N THR A 267 -21.42 16.13 5.23
CA THR A 267 -22.28 15.11 4.59
C THR A 267 -21.96 13.73 5.17
N LEU A 268 -20.68 13.35 5.24
CA LEU A 268 -20.31 12.04 5.84
C LEU A 268 -20.73 12.03 7.32
N ALA A 269 -20.51 13.12 8.05
CA ALA A 269 -20.72 13.20 9.52
C ALA A 269 -22.22 13.03 9.85
N ASN A 270 -23.10 13.49 8.95
CA ASN A 270 -24.58 13.45 9.12
C ASN A 270 -25.18 12.19 8.48
N SER A 271 -24.38 11.14 8.25
CA SER A 271 -24.80 9.91 7.58
C SER A 271 -24.54 8.71 8.49
N THR A 272 -25.06 7.55 8.11
CA THR A 272 -24.81 6.28 8.81
C THR A 272 -23.32 5.94 8.67
N HIS A 273 -22.58 6.60 7.79
CA HIS A 273 -21.15 6.32 7.53
C HIS A 273 -20.26 7.27 8.34
N HIS A 274 -20.79 7.86 9.41
CA HIS A 274 -20.04 8.89 10.19
C HIS A 274 -18.73 8.31 10.77
N ASN A 275 -18.59 6.99 10.93
CA ASN A 275 -17.35 6.42 11.53
C ASN A 275 -16.28 6.15 10.45
N VAL A 276 -16.62 6.26 9.18
CA VAL A 276 -15.61 6.12 8.07
C VAL A 276 -14.62 7.29 8.20
N ARG A 277 -13.33 6.99 8.18
CA ARG A 277 -12.26 8.01 8.22
C ARG A 277 -12.15 8.74 6.88
N LEU A 278 -11.78 10.01 6.93
CA LEU A 278 -11.49 10.84 5.74
C LEU A 278 -9.99 11.14 5.71
N LEU A 279 -9.35 10.77 4.61
CA LEU A 279 -7.94 11.09 4.35
C LEU A 279 -7.87 12.17 3.26
N MET A 280 -7.06 13.20 3.53
CA MET A 280 -6.79 14.31 2.59
C MET A 280 -5.55 13.98 1.75
N LEU A 281 -5.34 14.81 0.75
CA LEU A 281 -4.19 14.81 -0.20
C LEU A 281 -4.31 13.61 -1.16
N ASP A 282 -3.88 12.39 -0.80
CA ASP A 282 -3.91 11.22 -1.71
C ASP A 282 -3.13 11.59 -2.98
N ASP A 283 -1.94 12.14 -2.78
CA ASP A 283 -1.12 12.72 -3.86
C ASP A 283 0.36 12.69 -3.43
N GLN A 284 1.24 13.18 -4.30
CA GLN A 284 2.70 13.07 -4.10
C GLN A 284 3.15 13.82 -2.83
N ARG A 285 4.15 13.30 -2.12
CA ARG A 285 4.57 13.95 -0.84
C ARG A 285 5.29 15.28 -1.09
N LEU A 286 5.69 15.59 -2.33
CA LEU A 286 6.28 16.90 -2.71
C LEU A 286 5.29 18.01 -2.34
N LEU A 287 3.99 17.71 -2.26
CA LEU A 287 2.95 18.71 -1.92
C LEU A 287 2.90 18.96 -0.40
N LEU A 288 3.71 18.26 0.39
CA LEU A 288 3.79 18.46 1.86
C LEU A 288 5.05 19.24 2.19
N PRO A 289 5.04 20.01 3.29
CA PRO A 289 3.85 20.17 4.15
C PRO A 289 2.78 21.20 3.75
N HIS A 290 2.97 21.88 2.61
CA HIS A 290 2.09 23.01 2.16
C HIS A 290 0.62 22.58 2.19
N TRP A 291 0.24 21.48 1.54
CA TRP A 291 -1.18 21.03 1.52
C TRP A 291 -1.70 20.81 2.94
N ALA A 292 -0.93 20.19 3.81
CA ALA A 292 -1.39 19.91 5.18
C ALA A 292 -1.60 21.26 5.91
N LYS A 293 -0.70 22.21 5.74
CA LYS A 293 -0.85 23.55 6.36
C LYS A 293 -2.15 24.20 5.87
N VAL A 294 -2.41 24.20 4.57
CA VAL A 294 -3.60 24.91 4.03
C VAL A 294 -4.87 24.26 4.59
N VAL A 295 -4.99 22.93 4.57
CA VAL A 295 -6.23 22.27 5.04
C VAL A 295 -6.35 22.31 6.57
N LEU A 296 -5.32 21.90 7.30
CA LEU A 296 -5.46 21.57 8.74
C LEU A 296 -5.38 22.82 9.63
N THR A 297 -4.94 23.97 9.11
CA THR A 297 -4.94 25.23 9.89
C THR A 297 -6.34 25.86 9.86
N ASP A 298 -7.25 25.32 9.05
CA ASP A 298 -8.69 25.70 9.10
C ASP A 298 -9.41 24.73 10.02
N PRO A 299 -9.81 25.14 11.25
CA PRO A 299 -10.46 24.23 12.19
C PRO A 299 -11.71 23.51 11.65
N GLU A 300 -12.45 24.16 10.75
CA GLU A 300 -13.71 23.64 10.18
C GLU A 300 -13.40 22.50 9.19
N ALA A 301 -12.22 22.49 8.55
CA ALA A 301 -11.75 21.34 7.73
C ALA A 301 -11.05 20.31 8.62
N ALA A 302 -10.21 20.77 9.55
CA ALA A 302 -9.34 19.90 10.39
C ALA A 302 -10.21 18.91 11.18
N LYS A 303 -11.38 19.33 11.65
CA LYS A 303 -12.23 18.47 12.52
C LYS A 303 -12.73 17.24 11.77
N TYR A 304 -12.67 17.23 10.43
CA TYR A 304 -13.18 16.10 9.60
C TYR A 304 -12.02 15.24 9.09
N VAL A 305 -10.77 15.70 9.22
CA VAL A 305 -9.64 14.98 8.57
C VAL A 305 -8.96 14.09 9.59
N HIS A 306 -8.95 12.78 9.32
CA HIS A 306 -8.30 11.74 10.15
C HIS A 306 -6.81 11.63 9.81
N GLY A 307 -6.47 11.78 8.53
CA GLY A 307 -5.11 11.46 8.09
C GLY A 307 -4.80 12.05 6.73
N ILE A 308 -3.55 11.87 6.31
CA ILE A 308 -2.98 12.43 5.08
C ILE A 308 -2.45 11.25 4.27
N ALA A 309 -3.04 10.98 3.12
CA ALA A 309 -2.62 9.89 2.23
C ALA A 309 -1.55 10.42 1.27
N VAL A 310 -0.48 9.65 1.05
CA VAL A 310 0.64 10.05 0.17
C VAL A 310 0.86 8.95 -0.88
N HIS A 311 1.27 9.38 -2.07
CA HIS A 311 1.68 8.51 -3.20
C HIS A 311 3.18 8.68 -3.41
N TRP A 312 3.86 7.65 -3.91
CA TRP A 312 5.34 7.59 -3.90
C TRP A 312 6.01 8.21 -5.15
N TYR A 313 5.27 8.72 -6.12
CA TYR A 313 5.80 8.89 -7.51
C TYR A 313 6.82 10.03 -7.59
N LEU A 314 6.87 10.96 -6.65
CA LEU A 314 7.91 12.02 -6.66
C LEU A 314 8.83 11.88 -5.47
N ASP A 315 8.85 10.72 -4.79
CA ASP A 315 9.72 10.56 -3.58
C ASP A 315 11.17 10.85 -3.94
N PHE A 316 11.58 10.53 -5.17
CA PHE A 316 12.99 10.72 -5.64
C PHE A 316 13.38 12.19 -5.70
N LEU A 317 12.40 13.11 -5.74
N LEU A 317 12.46 13.16 -5.76
CA LEU A 317 12.58 14.59 -5.77
CA LEU A 317 12.86 14.59 -5.63
C LEU A 317 12.22 15.26 -4.43
C LEU A 317 12.08 15.28 -4.50
N ALA A 318 11.67 14.50 -3.49
CA ALA A 318 11.01 15.03 -2.27
C ALA A 318 11.56 14.31 -1.04
N PRO A 319 12.66 14.83 -0.44
CA PRO A 319 13.26 14.16 0.71
C PRO A 319 12.22 13.99 1.84
N ALA A 320 12.26 12.83 2.49
CA ALA A 320 11.30 12.40 3.52
C ALA A 320 11.30 13.37 4.71
N LYS A 321 12.48 13.82 5.15
CA LYS A 321 12.57 14.70 6.34
C LYS A 321 11.79 16.00 6.10
N ALA A 322 11.95 16.63 4.94
CA ALA A 322 11.38 17.94 4.56
C ALA A 322 9.86 17.82 4.29
N THR A 323 9.37 16.60 4.03
CA THR A 323 7.96 16.39 3.62
C THR A 323 7.23 15.68 4.76
N LEU A 324 7.45 14.36 4.89
CA LEU A 324 6.82 13.56 5.97
C LEU A 324 7.27 14.07 7.35
N GLY A 325 8.59 14.26 7.52
CA GLY A 325 9.16 14.66 8.82
C GLY A 325 8.53 15.97 9.27
N GLU A 326 8.52 16.96 8.40
CA GLU A 326 8.02 18.33 8.69
C GLU A 326 6.50 18.27 8.94
N THR A 327 5.77 17.45 8.18
CA THR A 327 4.31 17.30 8.35
C THR A 327 3.99 16.68 9.71
N HIS A 328 4.67 15.62 10.09
CA HIS A 328 4.54 15.00 11.42
C HIS A 328 4.85 16.04 12.51
N ARG A 329 5.91 16.84 12.35
CA ARG A 329 6.30 17.84 13.38
C ARG A 329 5.15 18.81 13.58
N LEU A 330 4.60 19.35 12.51
CA LEU A 330 3.54 20.40 12.56
C LEU A 330 2.20 19.79 13.03
N PHE A 331 1.89 18.56 12.60
CA PHE A 331 0.55 17.92 12.79
C PHE A 331 0.74 16.50 13.32
N PRO A 332 1.28 16.34 14.54
CA PRO A 332 1.71 15.02 15.01
C PRO A 332 0.52 14.10 15.30
N ASN A 333 -0.69 14.64 15.41
CA ASN A 333 -1.89 13.84 15.73
C ASN A 333 -2.66 13.49 14.45
N THR A 334 -2.16 13.83 13.28
CA THR A 334 -2.81 13.50 12.00
C THR A 334 -1.95 12.45 11.31
N MET A 335 -2.43 11.21 11.23
CA MET A 335 -1.60 10.09 10.74
C MET A 335 -1.24 10.33 9.27
N LEU A 336 -0.06 9.86 8.88
CA LEU A 336 0.39 9.77 7.47
C LEU A 336 0.25 8.33 7.01
N PHE A 337 -0.21 8.14 5.78
CA PHE A 337 -0.56 6.83 5.22
C PHE A 337 -0.17 6.79 3.75
N ALA A 338 0.58 5.78 3.31
CA ALA A 338 0.99 5.66 1.88
C ALA A 338 -0.08 4.83 1.15
N SER A 339 -0.77 5.43 0.17
CA SER A 339 -2.02 4.85 -0.38
C SER A 339 -1.84 4.37 -1.82
N GLU A 340 -0.68 4.62 -2.47
CA GLU A 340 -0.47 4.15 -3.86
C GLU A 340 1.01 4.21 -4.24
N ALA A 341 1.51 3.10 -4.77
CA ALA A 341 2.87 2.92 -5.32
C ALA A 341 2.82 1.87 -6.43
N CYS A 342 3.62 2.09 -7.46
CA CYS A 342 3.94 1.05 -8.45
C CYS A 342 5.18 1.50 -9.22
N VAL A 343 5.97 0.55 -9.68
CA VAL A 343 7.04 0.81 -10.68
C VAL A 343 6.43 0.70 -12.08
N GLY A 344 6.97 1.45 -13.03
CA GLY A 344 6.66 1.30 -14.45
C GLY A 344 5.94 2.52 -15.00
N SER A 345 5.47 3.42 -14.14
CA SER A 345 4.66 4.59 -14.56
C SER A 345 5.55 5.73 -15.14
N LYS A 346 6.86 5.72 -14.87
N LYS A 346 6.85 5.70 -14.87
CA LYS A 346 7.77 6.81 -15.27
CA LYS A 346 7.80 6.77 -15.27
C LYS A 346 8.26 6.58 -16.71
C LYS A 346 8.24 6.57 -16.72
N PHE A 347 8.53 7.68 -17.40
CA PHE A 347 9.00 7.72 -18.80
C PHE A 347 10.21 6.79 -19.02
N TRP A 348 11.15 6.74 -18.07
CA TRP A 348 12.40 5.93 -18.16
C TRP A 348 12.22 4.50 -17.65
N GLU A 349 11.01 4.09 -17.23
CA GLU A 349 10.77 2.72 -16.71
C GLU A 349 10.00 1.89 -17.72
N GLN A 350 10.46 0.69 -18.01
CA GLN A 350 9.63 -0.22 -18.82
C GLN A 350 8.45 -0.65 -17.95
N SER A 351 7.30 -0.90 -18.56
CA SER A 351 6.07 -1.26 -17.82
C SER A 351 6.29 -2.46 -16.90
N VAL A 352 6.75 -3.59 -17.45
CA VAL A 352 6.89 -4.88 -16.74
C VAL A 352 8.31 -5.40 -16.96
N ARG A 353 8.98 -5.81 -15.89
N ARG A 353 9.04 -5.71 -15.88
CA ARG A 353 10.36 -6.37 -15.97
CA ARG A 353 10.39 -6.34 -15.89
C ARG A 353 10.39 -7.63 -15.12
C ARG A 353 10.33 -7.63 -15.08
N LEU A 354 9.92 -8.75 -15.68
CA LEU A 354 9.59 -9.99 -14.93
C LEU A 354 10.82 -10.49 -14.17
N GLY A 355 10.72 -10.52 -12.85
CA GLY A 355 11.78 -11.03 -11.96
C GLY A 355 12.74 -9.97 -11.49
N SER A 356 12.46 -8.69 -11.73
CA SER A 356 13.36 -7.58 -11.34
C SER A 356 13.61 -7.57 -9.83
N TRP A 357 14.86 -7.78 -9.40
CA TRP A 357 15.24 -7.58 -7.99
C TRP A 357 15.23 -6.09 -7.67
N ASP A 358 15.63 -5.25 -8.60
CA ASP A 358 15.65 -3.78 -8.39
C ASP A 358 14.27 -3.29 -7.96
N ARG A 359 13.22 -3.78 -8.60
CA ARG A 359 11.85 -3.30 -8.30
C ARG A 359 11.43 -3.82 -6.91
N GLY A 360 11.84 -5.02 -6.51
CA GLY A 360 11.61 -5.48 -5.13
C GLY A 360 12.28 -4.55 -4.15
N MET A 361 13.56 -4.26 -4.36
CA MET A 361 14.34 -3.33 -3.49
C MET A 361 13.67 -1.95 -3.45
N GLN A 362 13.11 -1.47 -4.55
CA GLN A 362 12.38 -0.17 -4.54
C GLN A 362 11.24 -0.24 -3.50
N TYR A 363 10.47 -1.31 -3.50
CA TYR A 363 9.32 -1.48 -2.57
C TYR A 363 9.84 -1.49 -1.14
N SER A 364 10.80 -2.34 -0.80
CA SER A 364 11.24 -2.46 0.62
C SER A 364 11.91 -1.17 1.06
N HIS A 365 12.72 -0.54 0.21
CA HIS A 365 13.37 0.75 0.54
C HIS A 365 12.30 1.82 0.86
N SER A 366 11.27 1.90 0.04
CA SER A 366 10.13 2.83 0.25
C SER A 366 9.43 2.53 1.60
N ILE A 367 9.09 1.27 1.84
CA ILE A 367 8.34 0.91 3.07
C ILE A 367 9.22 1.27 4.29
N ILE A 368 10.50 0.89 4.29
CA ILE A 368 11.39 1.25 5.43
C ILE A 368 11.43 2.78 5.58
N THR A 369 11.70 3.53 4.52
CA THR A 369 11.81 5.02 4.62
C THR A 369 10.49 5.61 5.16
N ASN A 370 9.36 5.17 4.65
CA ASN A 370 8.04 5.62 5.15
C ASN A 370 7.89 5.28 6.65
N LEU A 371 8.23 4.07 7.07
CA LEU A 371 8.06 3.68 8.51
C LEU A 371 9.00 4.52 9.38
N LEU A 372 10.16 4.89 8.84
CA LEU A 372 11.15 5.69 9.61
C LEU A 372 10.69 7.14 9.73
N TYR A 373 9.73 7.58 8.91
CA TYR A 373 9.17 8.96 8.93
C TYR A 373 7.68 8.94 9.23
N HIS A 374 7.28 8.08 10.17
CA HIS A 374 5.98 8.15 10.90
C HIS A 374 4.80 7.59 10.11
N VAL A 375 5.00 7.07 8.90
CA VAL A 375 3.86 6.58 8.07
C VAL A 375 3.34 5.27 8.66
N VAL A 376 2.01 5.09 8.73
CA VAL A 376 1.35 4.00 9.50
C VAL A 376 1.00 2.85 8.58
N GLY A 377 1.16 3.01 7.26
CA GLY A 377 0.76 1.93 6.36
C GLY A 377 1.22 2.15 4.95
N TRP A 378 1.18 1.12 4.11
CA TRP A 378 1.73 1.24 2.74
C TRP A 378 0.93 0.34 1.81
N THR A 379 0.46 0.92 0.72
CA THR A 379 -0.53 0.29 -0.16
C THR A 379 0.02 0.25 -1.57
N ASP A 380 0.09 -0.95 -2.11
CA ASP A 380 0.44 -1.18 -3.52
C ASP A 380 -0.73 -0.69 -4.39
N TRP A 381 -0.47 -0.55 -5.68
CA TRP A 381 -1.50 -0.28 -6.70
C TRP A 381 -2.07 -1.62 -7.19
N ASN A 382 -2.24 -1.84 -8.49
CA ASN A 382 -2.97 -3.04 -8.98
C ASN A 382 -2.47 -4.34 -8.32
N LEU A 383 -3.38 -5.16 -7.78
CA LEU A 383 -3.02 -6.46 -7.17
C LEU A 383 -2.45 -7.41 -8.22
N ALA A 384 -2.90 -7.31 -9.47
CA ALA A 384 -2.38 -8.16 -10.56
C ALA A 384 -2.53 -7.47 -11.90
N LEU A 385 -1.58 -7.68 -12.82
CA LEU A 385 -1.67 -7.15 -14.21
C LEU A 385 -1.28 -8.26 -15.16
N ASN A 386 -1.55 -8.07 -16.44
CA ASN A 386 -1.13 -9.02 -17.49
C ASN A 386 0.33 -8.69 -17.85
N PRO A 387 0.98 -9.46 -18.75
CA PRO A 387 2.42 -9.25 -19.00
C PRO A 387 2.77 -7.93 -19.70
N GLU A 388 1.77 -7.26 -20.28
CA GLU A 388 1.90 -5.91 -20.88
C GLU A 388 1.81 -4.85 -19.78
N GLY A 389 1.35 -5.21 -18.59
CA GLY A 389 1.10 -4.24 -17.50
C GLY A 389 -0.27 -3.61 -17.60
N GLY A 390 -1.23 -4.30 -18.22
CA GLY A 390 -2.61 -3.83 -18.36
C GLY A 390 -3.64 -4.84 -17.86
N PRO A 391 -4.91 -4.71 -18.29
CA PRO A 391 -5.33 -3.71 -19.27
C PRO A 391 -5.48 -2.29 -18.71
N ASN A 392 -5.53 -1.30 -19.60
CA ASN A 392 -5.59 0.13 -19.22
C ASN A 392 -6.09 0.92 -20.43
N TRP A 393 -7.21 1.66 -20.32
CA TRP A 393 -7.87 2.26 -21.51
C TRP A 393 -7.01 3.40 -22.11
N VAL A 394 -6.03 3.97 -21.41
CA VAL A 394 -5.08 4.93 -22.05
C VAL A 394 -3.69 4.31 -22.24
N ARG A 395 -3.59 2.98 -22.07
N ARG A 395 -3.56 2.98 -22.09
CA ARG A 395 -2.34 2.18 -22.23
CA ARG A 395 -2.28 2.23 -22.29
C ARG A 395 -1.24 2.75 -21.33
C ARG A 395 -1.21 2.74 -21.31
N ASN A 396 -1.63 3.21 -20.13
CA ASN A 396 -0.69 3.67 -19.06
C ASN A 396 -0.22 2.44 -18.27
N PHE A 397 0.47 1.53 -18.93
CA PHE A 397 0.86 0.20 -18.39
C PHE A 397 1.95 0.35 -17.34
N VAL A 398 1.84 -0.44 -16.26
CA VAL A 398 2.84 -0.44 -15.16
C VAL A 398 3.10 -1.88 -14.72
N ASP A 399 3.87 -2.04 -13.66
CA ASP A 399 4.26 -3.35 -13.12
C ASP A 399 3.37 -3.64 -11.89
N SER A 400 3.32 -4.90 -11.51
CA SER A 400 2.52 -5.41 -10.36
C SER A 400 3.29 -6.54 -9.73
N PRO A 401 3.19 -6.75 -8.40
CA PRO A 401 3.86 -7.89 -7.78
C PRO A 401 3.41 -9.25 -8.30
N ILE A 402 2.20 -9.33 -8.90
CA ILE A 402 1.73 -10.58 -9.55
C ILE A 402 1.34 -10.26 -10.97
N ILE A 403 1.90 -11.05 -11.88
CA ILE A 403 1.64 -10.94 -13.33
C ILE A 403 0.94 -12.21 -13.77
N VAL A 404 -0.25 -12.08 -14.33
N VAL A 404 -0.23 -12.09 -14.40
CA VAL A 404 -1.05 -13.20 -14.88
CA VAL A 404 -1.05 -13.25 -14.86
C VAL A 404 -0.53 -13.51 -16.28
C VAL A 404 -0.83 -13.49 -16.35
N ASP A 405 -0.61 -14.77 -16.69
CA ASP A 405 -0.30 -15.24 -18.05
C ASP A 405 -1.47 -16.17 -18.40
N ILE A 406 -2.55 -15.62 -18.95
N ILE A 406 -2.54 -15.61 -18.94
CA ILE A 406 -3.82 -16.37 -19.08
CA ILE A 406 -3.85 -16.30 -19.05
C ILE A 406 -3.64 -17.55 -20.03
C ILE A 406 -3.74 -17.47 -20.03
N THR A 407 -2.89 -17.38 -21.11
N THR A 407 -2.85 -17.40 -21.02
CA THR A 407 -2.61 -18.50 -22.05
CA THR A 407 -2.70 -18.48 -22.02
C THR A 407 -2.22 -19.75 -21.25
C THR A 407 -2.01 -19.71 -21.40
N LYS A 408 -1.34 -19.58 -20.26
CA LYS A 408 -0.74 -20.73 -19.52
C LYS A 408 -1.50 -20.98 -18.21
N ASP A 409 -2.63 -20.34 -18.00
CA ASP A 409 -3.37 -20.42 -16.71
C ASP A 409 -2.33 -20.33 -15.58
N THR A 410 -1.43 -19.37 -15.68
CA THR A 410 -0.28 -19.20 -14.75
C THR A 410 -0.31 -17.79 -14.16
N PHE A 411 0.29 -17.61 -12.99
CA PHE A 411 0.68 -16.26 -12.52
C PHE A 411 2.08 -16.35 -11.94
N TYR A 412 2.78 -15.22 -12.01
CA TYR A 412 4.18 -15.07 -11.58
C TYR A 412 4.24 -14.14 -10.38
N LYS A 413 4.82 -14.61 -9.27
CA LYS A 413 5.02 -13.79 -8.06
C LYS A 413 6.42 -13.23 -8.17
N GLN A 414 6.53 -11.90 -8.29
CA GLN A 414 7.79 -11.18 -8.54
C GLN A 414 8.50 -10.83 -7.24
N PRO A 415 9.78 -10.42 -7.28
CA PRO A 415 10.45 -9.92 -6.09
C PRO A 415 9.63 -8.90 -5.30
N MET A 416 8.91 -8.00 -5.96
CA MET A 416 8.10 -7.00 -5.24
C MET A 416 7.15 -7.69 -4.25
N PHE A 417 6.56 -8.84 -4.61
CA PHE A 417 5.62 -9.58 -3.74
C PHE A 417 6.34 -9.97 -2.45
N TYR A 418 7.55 -10.53 -2.57
CA TYR A 418 8.31 -11.05 -1.40
C TYR A 418 8.79 -9.87 -0.56
N HIS A 419 9.25 -8.80 -1.20
CA HIS A 419 9.74 -7.59 -0.48
C HIS A 419 8.58 -7.01 0.35
N LEU A 420 7.38 -6.91 -0.22
CA LEU A 420 6.21 -6.39 0.54
C LEU A 420 5.92 -7.38 1.69
N GLY A 421 5.99 -8.67 1.42
CA GLY A 421 5.67 -9.73 2.38
C GLY A 421 6.59 -9.73 3.58
N HIS A 422 7.83 -9.31 3.43
CA HIS A 422 8.80 -9.21 4.57
C HIS A 422 8.26 -8.26 5.64
N PHE A 423 7.32 -7.37 5.29
CA PHE A 423 6.65 -6.45 6.23
C PHE A 423 5.24 -6.96 6.54
N SER A 424 4.43 -7.22 5.53
CA SER A 424 2.98 -7.49 5.76
C SER A 424 2.78 -8.76 6.58
N LYS A 425 3.60 -9.77 6.36
CA LYS A 425 3.42 -11.08 7.02
C LYS A 425 3.67 -10.92 8.53
N PHE A 426 4.61 -10.05 8.90
CA PHE A 426 5.22 -10.08 10.25
C PHE A 426 4.85 -8.87 11.09
N ILE A 427 4.09 -7.92 10.53
CA ILE A 427 3.79 -6.64 11.23
C ILE A 427 2.26 -6.47 11.26
N PRO A 428 1.60 -7.08 12.26
CA PRO A 428 0.16 -6.94 12.38
C PRO A 428 -0.25 -5.50 12.71
N GLU A 429 -1.50 -5.19 12.37
CA GLU A 429 -2.12 -3.93 12.75
C GLU A 429 -1.93 -3.75 14.25
N GLY A 430 -1.50 -2.57 14.67
CA GLY A 430 -1.30 -2.27 16.11
C GLY A 430 0.14 -2.47 16.55
N SER A 431 1.02 -3.01 15.68
CA SER A 431 2.49 -3.00 15.91
C SER A 431 2.95 -1.54 16.05
N GLN A 432 4.02 -1.29 16.77
CA GLN A 432 4.52 0.08 16.97
C GLN A 432 5.98 0.17 16.54
N ARG A 433 6.34 1.14 15.68
N ARG A 433 6.33 1.13 15.67
CA ARG A 433 7.75 1.38 15.33
CA ARG A 433 7.76 1.35 15.36
C ARG A 433 8.48 1.82 16.62
C ARG A 433 8.47 1.78 16.65
N VAL A 434 9.64 1.22 16.89
CA VAL A 434 10.52 1.59 18.03
C VAL A 434 11.88 2.00 17.46
N GLY A 435 12.74 2.55 18.28
CA GLY A 435 14.04 3.02 17.78
C GLY A 435 14.98 1.89 17.47
N LEU A 436 15.95 2.16 16.60
CA LEU A 436 17.03 1.19 16.25
C LEU A 436 18.20 2.03 15.72
N VAL A 437 19.33 2.07 16.42
N VAL A 437 19.33 2.01 16.42
CA VAL A 437 20.44 2.98 15.99
CA VAL A 437 20.48 2.91 16.14
C VAL A 437 21.71 2.17 15.74
C VAL A 437 21.62 2.05 15.61
N ALA A 438 22.40 2.58 14.66
CA ALA A 438 23.59 1.94 14.10
C ALA A 438 24.82 2.49 14.82
N SER A 439 25.81 1.63 15.10
CA SER A 439 27.07 2.00 15.78
C SER A 439 27.99 2.74 14.78
N GLN A 440 27.79 2.60 13.47
CA GLN A 440 28.67 3.22 12.43
C GLN A 440 27.87 3.41 11.16
N LYS A 441 28.32 4.33 10.29
CA LYS A 441 27.77 4.54 8.93
C LYS A 441 27.81 3.20 8.21
N ASN A 442 26.76 2.88 7.45
CA ASN A 442 26.54 1.56 6.84
C ASN A 442 25.63 1.73 5.63
N ASP A 443 25.57 0.74 4.76
CA ASP A 443 24.74 0.76 3.53
C ASP A 443 23.40 0.03 3.74
N LEU A 444 23.03 -0.32 4.96
CA LEU A 444 21.77 -1.08 5.20
C LEU A 444 20.60 -0.11 5.41
N ASP A 445 19.40 -0.56 5.05
CA ASP A 445 18.14 0.11 5.47
C ASP A 445 17.53 -0.80 6.50
N ALA A 446 17.15 -0.29 7.65
CA ALA A 446 16.61 -1.15 8.72
C ALA A 446 15.52 -0.42 9.49
N VAL A 447 14.56 -1.21 9.99
CA VAL A 447 13.49 -0.64 10.84
C VAL A 447 13.12 -1.69 11.87
N ALA A 448 12.79 -1.23 13.09
CA ALA A 448 12.40 -2.10 14.22
C ALA A 448 10.97 -1.80 14.59
N LEU A 449 10.20 -2.85 14.85
CA LEU A 449 8.81 -2.70 15.34
C LEU A 449 8.64 -3.60 16.57
N MET A 450 7.80 -3.15 17.48
CA MET A 450 7.33 -4.00 18.58
C MET A 450 5.94 -4.52 18.23
N HIS A 451 5.88 -5.82 18.06
CA HIS A 451 4.63 -6.57 17.88
C HIS A 451 3.68 -6.26 19.04
N PRO A 452 2.34 -6.31 18.83
CA PRO A 452 1.40 -6.09 19.94
C PRO A 452 1.69 -6.89 21.22
N ASP A 453 2.29 -8.07 21.14
CA ASP A 453 2.53 -8.92 22.34
C ASP A 453 3.85 -8.54 23.02
N GLY A 454 4.59 -7.57 22.48
CA GLY A 454 5.84 -7.07 23.09
C GLY A 454 7.10 -7.63 22.43
N SER A 455 6.97 -8.57 21.51
CA SER A 455 8.11 -9.20 20.80
C SER A 455 8.68 -8.25 19.72
N ALA A 456 9.87 -8.55 19.23
CA ALA A 456 10.63 -7.67 18.32
C ALA A 456 10.49 -8.18 16.89
N VAL A 457 10.32 -7.26 15.95
CA VAL A 457 10.40 -7.54 14.50
C VAL A 457 11.36 -6.51 13.90
N VAL A 458 12.39 -6.99 13.20
CA VAL A 458 13.35 -6.07 12.53
C VAL A 458 13.48 -6.48 11.08
N VAL A 459 13.39 -5.49 10.18
CA VAL A 459 13.60 -5.76 8.74
C VAL A 459 14.89 -5.08 8.35
N VAL A 460 15.75 -5.83 7.67
CA VAL A 460 17.08 -5.34 7.22
C VAL A 460 17.17 -5.60 5.72
N LEU A 461 17.36 -4.51 4.95
CA LEU A 461 17.56 -4.56 3.49
C LEU A 461 18.99 -4.14 3.19
N ASN A 462 19.69 -4.94 2.41
CA ASN A 462 21.02 -4.59 1.88
C ASN A 462 20.87 -4.33 0.38
N ARG A 463 20.88 -3.08 -0.03
CA ARG A 463 20.79 -2.72 -1.46
C ARG A 463 22.21 -2.66 -2.07
N SER A 464 23.27 -2.87 -1.27
CA SER A 464 24.67 -2.94 -1.78
C SER A 464 24.99 -4.35 -2.27
N SER A 465 26.08 -4.48 -3.02
CA SER A 465 26.64 -5.76 -3.50
C SER A 465 27.42 -6.48 -2.40
N LYS A 466 27.75 -5.80 -1.30
CA LYS A 466 28.72 -6.36 -0.32
C LYS A 466 27.97 -6.96 0.87
N ASP A 467 28.37 -8.15 1.27
CA ASP A 467 27.92 -8.83 2.51
C ASP A 467 28.33 -7.98 3.70
N VAL A 468 27.43 -7.79 4.66
CA VAL A 468 27.71 -6.94 5.86
C VAL A 468 27.47 -7.83 7.08
N PRO A 469 28.53 -8.32 7.78
CA PRO A 469 28.33 -8.98 9.05
C PRO A 469 27.76 -7.93 9.99
N LEU A 470 26.86 -8.35 10.88
N LEU A 470 26.80 -8.32 10.82
CA LEU A 470 25.94 -7.47 11.64
CA LEU A 470 26.33 -7.39 11.87
C LEU A 470 25.57 -8.14 12.98
C LEU A 470 25.80 -8.17 13.05
N THR A 471 25.56 -7.40 14.09
CA THR A 471 25.01 -7.83 15.37
C THR A 471 23.80 -6.95 15.64
N ILE A 472 22.73 -7.55 16.14
CA ILE A 472 21.56 -6.79 16.66
C ILE A 472 21.59 -6.96 18.17
N LYS A 473 21.53 -5.84 18.90
CA LYS A 473 21.47 -5.87 20.37
C LYS A 473 20.05 -5.52 20.82
N ASP A 474 19.49 -6.40 21.64
CA ASP A 474 18.28 -6.13 22.44
C ASP A 474 18.76 -6.02 23.89
N PRO A 475 18.74 -4.82 24.49
CA PRO A 475 19.37 -4.66 25.81
C PRO A 475 18.77 -5.56 26.90
N ALA A 476 17.55 -6.05 26.72
CA ALA A 476 16.85 -6.95 27.67
C ALA A 476 17.24 -8.41 27.48
N VAL A 477 17.60 -8.79 26.26
CA VAL A 477 17.60 -10.23 25.85
C VAL A 477 19.02 -10.64 25.51
N GLY A 478 19.76 -9.84 24.76
CA GLY A 478 21.10 -10.21 24.30
C GLY A 478 21.31 -9.81 22.85
N PHE A 479 22.20 -10.55 22.18
CA PHE A 479 22.78 -10.19 20.87
C PHE A 479 22.47 -11.29 19.85
N LEU A 480 22.10 -10.85 18.65
CA LEU A 480 21.85 -11.72 17.48
C LEU A 480 23.06 -11.53 16.57
N GLU A 481 23.88 -12.57 16.43
CA GLU A 481 25.04 -12.54 15.51
C GLU A 481 24.54 -12.97 14.15
N THR A 482 24.64 -12.12 13.15
CA THR A 482 24.07 -12.44 11.82
C THR A 482 24.95 -11.85 10.74
N ILE A 483 24.45 -11.91 9.52
N ILE A 483 24.49 -11.95 9.50
CA ILE A 483 25.14 -11.43 8.30
CA ILE A 483 25.17 -11.33 8.33
C ILE A 483 24.01 -10.98 7.36
C ILE A 483 24.09 -11.02 7.30
N SER A 484 24.20 -9.84 6.69
CA SER A 484 23.28 -9.32 5.67
C SER A 484 23.95 -9.47 4.31
N PRO A 485 23.68 -10.53 3.53
CA PRO A 485 24.30 -10.67 2.21
C PRO A 485 23.93 -9.50 1.29
N GLY A 486 24.85 -9.16 0.38
CA GLY A 486 24.59 -8.21 -0.72
C GLY A 486 23.24 -8.53 -1.35
N TYR A 487 22.42 -7.51 -1.62
CA TYR A 487 21.15 -7.72 -2.36
C TYR A 487 20.31 -8.81 -1.66
N SER A 488 20.11 -8.62 -0.36
CA SER A 488 19.20 -9.47 0.42
C SER A 488 18.22 -8.60 1.19
N ILE A 489 17.15 -9.23 1.64
CA ILE A 489 16.28 -8.64 2.66
C ILE A 489 16.03 -9.74 3.70
N HIS A 490 16.07 -9.34 4.96
CA HIS A 490 15.83 -10.21 6.13
C HIS A 490 14.72 -9.65 6.98
N THR A 491 13.88 -10.53 7.52
CA THR A 491 13.04 -10.20 8.69
C THR A 491 13.50 -11.07 9.85
N TYR A 492 13.82 -10.43 10.97
CA TYR A 492 14.17 -11.04 12.27
C TYR A 492 12.98 -10.97 13.21
N LEU A 493 12.71 -12.07 13.89
CA LEU A 493 11.67 -12.14 14.95
C LEU A 493 12.31 -12.66 16.23
N TRP A 494 11.98 -12.09 17.38
CA TRP A 494 12.35 -12.73 18.65
C TRP A 494 11.45 -12.25 19.78
N ARG A 495 11.21 -13.15 20.73
CA ARG A 495 10.51 -12.82 21.99
C ARG A 495 11.46 -12.08 22.92
N ARG A 496 10.86 -11.23 23.75
CA ARG A 496 11.60 -10.38 24.70
C ARG A 496 11.38 -10.82 26.16
N GLN A 497 10.41 -11.69 26.43
N GLN A 497 10.41 -11.69 26.42
CA GLN A 497 10.25 -12.37 27.75
CA GLN A 497 10.06 -12.16 27.80
C GLN A 497 9.19 -13.47 27.60
C GLN A 497 9.59 -13.62 27.76
C1 NAG B . 1.69 -26.38 -12.53
C2 NAG B . 1.79 -27.33 -13.75
C3 NAG B . 2.54 -28.61 -13.44
C4 NAG B . 3.87 -28.24 -12.80
C5 NAG B . 3.64 -27.37 -11.55
C6 NAG B . 4.98 -26.97 -10.88
C7 NAG B . -0.02 -27.33 -15.39
C8 NAG B . -1.46 -27.66 -15.62
N2 NAG B . 0.46 -27.64 -14.18
O3 NAG B . 2.76 -29.29 -14.69
O4 NAG B . 4.59 -29.44 -12.42
O5 NAG B . 2.97 -26.17 -11.96
O6 NAG B . 5.76 -26.28 -11.89
O7 NAG B . 0.59 -26.81 -16.30
H1 NAG B . 1.08 -26.90 -11.79
H2 NAG B . 2.33 -26.81 -14.55
H3 NAG B . 1.95 -29.22 -12.75
H4 NAG B . 4.45 -27.65 -13.54
H5 NAG B . 3.04 -27.91 -10.83
H61 NAG B . 5.52 -27.83 -10.53
H62 NAG B . 4.80 -26.30 -10.04
H81 NAG B . -2.04 -26.78 -15.57
H82 NAG B . -1.56 -28.10 -16.57
H83 NAG B . -1.80 -28.34 -14.88
HN2 NAG B . -0.15 -28.07 -13.51
HO3 NAG B . 3.27 -30.10 -14.53
HO4 NAG B . 4.10 -29.87 -11.68
HO6 NAG B . 6.60 -26.01 -11.52
C1 NAG B . 5.81 -29.58 -12.97
C2 NAG B . 6.60 -30.51 -12.07
C3 NAG B . 7.99 -30.85 -12.59
C4 NAG B . 8.00 -31.14 -14.08
C5 NAG B . 7.16 -30.20 -14.93
C6 NAG B . 6.91 -30.86 -16.30
C7 NAG B . 6.00 -30.20 -9.69
C8 NAG B . 6.35 -29.49 -8.39
N2 NAG B . 6.74 -29.86 -10.75
O3 NAG B . 8.42 -32.02 -11.88
O4 NAG B . 9.35 -31.10 -14.62
O5 NAG B . 5.89 -30.00 -14.34
O6 NAG B . 6.28 -32.12 -16.06
O7 NAG B . 5.13 -31.05 -9.74
H1 NAG B . 4.78 -29.74 -12.69
H2 NAG B . 6.05 -31.45 -11.97
H3 NAG B . 8.67 -30.01 -12.39
H4 NAG B . 7.61 -32.16 -14.20
H5 NAG B . 7.69 -29.25 -15.06
H61 NAG B . 7.86 -31.00 -16.83
H62 NAG B . 6.27 -30.22 -16.91
H81 NAG B . 6.32 -28.44 -8.54
H82 NAG B . 5.64 -29.76 -7.64
H83 NAG B . 7.32 -29.78 -8.08
HN2 NAG B . 7.44 -29.14 -10.65
HO3 NAG B . 9.40 -32.16 -12.18
HO4 NAG B . 9.76 -30.26 -14.35
HO6 NAG B . 6.15 -32.54 -16.85
C1 BMA B . 10.04 -32.22 -14.92
C2 BMA B . 11.10 -32.17 -16.03
C3 BMA B . 11.88 -33.48 -16.00
C4 BMA B . 12.53 -33.62 -14.63
C5 BMA B . 11.52 -33.52 -13.48
C6 BMA B . 12.28 -33.35 -12.15
O2 BMA B . 11.92 -31.02 -15.80
O3 BMA B . 12.83 -33.54 -17.08
O4 BMA B . 13.20 -34.88 -14.57
O5 BMA B . 10.62 -32.41 -13.62
O6 BMA B . 11.40 -33.19 -11.03
H1 BMA B . 9.53 -31.25 -14.99
H2 BMA B . 10.59 -32.08 -17.00
H3 BMA B . 11.17 -34.30 -16.11
H4 BMA B . 13.28 -32.81 -14.52
H5 BMA B . 10.95 -34.46 -13.43
H61 BMA B . 12.95 -32.49 -12.23
H62 BMA B . 12.91 -34.24 -11.99
HO2 BMA B . 11.39 -30.22 -15.83
HO3 BMA B . 12.37 -33.43 -17.94
HO4 BMA B . 13.80 -34.99 -15.32
HO6 BMA B . 10.60 -32.71 -11.32
C1 MAN B . 11.69 -32.84 -9.78
C2 MAN B . 10.47 -32.95 -8.83
C3 MAN B . 9.76 -31.60 -8.54
C4 MAN B . 10.69 -30.38 -8.54
C5 MAN B . 11.76 -30.47 -9.65
C6 MAN B . 12.72 -29.29 -9.70
O2 MAN B . 10.87 -33.57 -7.60
O3 MAN B . 9.07 -31.68 -7.29
O4 MAN B . 9.88 -29.19 -8.71
O5 MAN B . 12.50 -31.69 -9.48
O6 MAN B . 13.56 -29.28 -8.53
H1 MAN B . 12.29 -33.75 -9.65
H2 MAN B . 9.74 -33.60 -9.32
H3 MAN B . 9.02 -31.45 -9.35
H4 MAN B . 11.20 -30.33 -7.57
H5 MAN B . 11.23 -30.50 -10.62
H61 MAN B . 12.16 -28.35 -9.75
H62 MAN B . 13.34 -29.35 -10.60
HO2 MAN B . 11.32 -34.48 -7.84
HO3 MAN B . 8.51 -32.52 -7.29
HO4 MAN B . 9.24 -29.22 -7.92
HO6 MAN B . 13.35 -30.05 -7.96
S SO4 C . 16.69 -5.44 -12.87
O1 SO4 C . 15.48 -4.70 -13.05
O2 SO4 C . 17.78 -4.71 -13.46
O3 SO4 C . 16.59 -6.72 -13.53
O4 SO4 C . 16.99 -5.64 -11.50
S SO4 D . -8.44 3.28 12.63
O1 SO4 D . -8.91 3.46 13.97
O2 SO4 D . -9.01 4.34 11.82
O3 SO4 D . -7.01 3.34 12.59
O4 SO4 D . -8.84 1.99 12.13
C1 EDO E . 23.73 -12.87 -7.48
O1 EDO E . 22.63 -13.58 -8.01
C2 EDO E . 23.35 -12.02 -6.34
O2 EDO E . 24.02 -12.39 -5.16
H11 EDO E . 24.11 -12.32 -8.19
H12 EDO E . 24.41 -13.52 -7.20
HO1 EDO E . 22.91 -14.03 -8.69
H21 EDO E . 22.38 -12.08 -6.19
H22 EDO E . 23.58 -11.09 -6.55
HO2 EDO E . 23.77 -13.16 -4.92
C1 EDO F . -10.11 14.45 13.40
O1 EDO F . -10.71 15.07 14.53
C2 EDO F . -11.04 13.59 12.63
O2 EDO F . -11.13 12.26 13.13
H11 EDO F . -9.36 13.90 13.71
H12 EDO F . -9.77 15.14 12.81
HO1 EDO F . -10.14 15.54 14.92
H21 EDO F . -10.73 13.54 11.69
H22 EDO F . -11.93 13.99 12.63
HO2 EDO F . -11.19 12.28 13.98
C1 NAG G . 29.58 -12.22 29.87
C2 NAG G . 29.98 -13.61 30.38
C3 NAG G . 30.19 -13.70 31.92
C4 NAG G . 31.10 -12.55 32.35
C5 NAG G . 30.45 -11.21 31.92
C6 NAG G . 31.16 -9.96 32.47
C7 NAG G . 27.77 -14.79 30.25
C8 NAG G . 27.06 -13.93 31.28
N2 NAG G . 29.05 -14.61 29.88
O3 NAG G . 30.75 -14.97 32.31
O4 NAG G . 31.32 -12.62 33.76
O5 NAG G . 30.38 -11.18 30.48
O6 NAG G . 32.51 -9.82 32.00
O7 NAG G . 27.14 -15.70 29.73
H1 NAG G . 28.54 -12.03 30.14
H2 NAG G . 30.96 -13.85 29.93
H3 NAG G . 29.23 -13.56 32.42
H4 NAG G . 32.06 -12.65 31.82
H5 NAG G . 29.43 -11.21 32.31
H61 NAG G . 31.16 -9.99 33.56
H62 NAG G . 30.59 -9.07 32.17
H81 NAG G . 27.34 -12.92 31.19
H82 NAG G . 26.02 -14.02 31.13
H83 NAG G . 27.29 -14.29 32.25
HN2 NAG G . 29.42 -15.25 29.18
HO3 NAG G . 30.86 -14.99 33.26
HO4 NAG G . 31.92 -11.88 34.03
HO6 NAG G . 32.88 -8.99 32.38
S SO4 H . -7.31 20.25 -21.46
O1 SO4 H . -6.98 21.62 -21.77
O2 SO4 H . -8.74 20.12 -21.31
O3 SO4 H . -6.67 19.88 -20.23
O4 SO4 H . -6.86 19.40 -22.53
C1 EDO I . -17.03 12.80 8.73
O1 EDO I . -17.67 11.76 9.47
C2 EDO I . -15.58 12.59 8.63
O2 EDO I . -14.92 12.84 9.85
H11 EDO I . -17.21 13.66 9.16
H12 EDO I . -17.42 12.82 7.83
HO1 EDO I . -18.49 11.90 9.51
H21 EDO I . -15.22 13.18 7.94
H22 EDO I . -15.41 11.67 8.36
HO2 EDO I . -15.37 12.49 10.49
C1 EDO J . -6.76 14.27 12.78
O1 EDO J . -5.88 15.28 12.44
C2 EDO J . -6.61 13.79 14.17
O2 EDO J . -6.73 12.37 14.22
H11 EDO J . -6.64 13.51 12.17
H12 EDO J . -7.67 14.60 12.67
HO1 EDO J . -6.02 15.52 11.62
H21 EDO J . -7.30 14.19 14.74
H22 EDO J . -5.73 14.04 14.52
HO2 EDO J . -7.52 12.15 13.99
C1 EDO K . -7.87 31.91 0.44
O1 EDO K . -8.71 30.82 0.11
C2 EDO K . -6.44 31.55 0.42
O2 EDO K . -6.08 30.77 1.55
H11 EDO K . -8.11 32.24 1.32
H12 EDO K . -8.02 32.63 -0.21
HO1 EDO K . -9.55 31.06 0.15
H21 EDO K . -5.91 32.36 0.41
H22 EDO K . -6.24 31.04 -0.39
HO2 EDO K . -6.15 31.24 2.25
C1 EDO L . -0.70 -19.85 -1.94
O1 EDO L . 0.19 -20.84 -2.37
C2 EDO L . -0.44 -19.40 -0.56
O2 EDO L . 0.71 -18.61 -0.47
H11 EDO L . -1.62 -20.21 -1.98
H12 EDO L . -0.65 -19.09 -2.54
HO1 EDO L . -0.01 -21.07 -3.17
H21 EDO L . -0.34 -20.19 0.03
H22 EDO L . -1.21 -18.88 -0.23
HO2 EDO L . 1.31 -18.92 -0.98
C1 EDO M . 13.56 -20.65 -2.37
O1 EDO M . 13.61 -20.20 -1.03
C2 EDO M . 12.62 -21.80 -2.51
O2 EDO M . 11.29 -21.55 -2.02
H11 EDO M . 14.45 -20.93 -2.66
H12 EDO M . 13.26 -19.93 -2.95
HO1 EDO M . 14.16 -19.56 -1.00
H21 EDO M . 13.00 -22.56 -2.02
H22 EDO M . 12.57 -22.05 -3.45
HO2 EDO M . 11.29 -20.81 -1.60
C1 EDO N . 20.30 -2.72 -13.82
O1 EDO N . 18.96 -2.27 -13.62
C2 EDO N . 20.58 -3.19 -15.20
O2 EDO N . 19.85 -2.48 -16.19
H11 EDO N . 20.48 -3.45 -13.19
H12 EDO N . 20.92 -1.98 -13.61
HO1 EDO N . 18.85 -2.01 -12.84
H21 EDO N . 20.35 -4.14 -15.27
H22 EDO N . 21.54 -3.09 -15.38
HO2 EDO N . 19.12 -2.19 -15.85
C1 EDO O . 13.67 -0.86 -12.45
O1 EDO O . 14.06 -2.19 -12.66
C2 EDO O . 12.85 -0.34 -13.55
O2 EDO O . 13.24 0.85 -14.14
H11 EDO O . 14.46 -0.30 -12.35
H12 EDO O . 13.14 -0.82 -11.62
HO1 EDO O . 14.53 -2.46 -12.02
H21 EDO O . 11.94 -0.21 -13.20
H22 EDO O . 12.81 -1.04 -14.24
HO2 EDO O . 14.08 0.83 -14.30
C1 EDO P . 5.42 8.70 0.09
O1 EDO P . 6.14 8.80 1.33
C2 EDO P . 5.01 7.28 -0.22
O2 EDO P . 6.07 6.42 -0.44
H11 EDO P . 5.98 9.04 -0.64
H12 EDO P . 4.62 9.27 0.14
HO1 EDO P . 6.36 9.62 1.45
H21 EDO P . 4.44 7.29 -1.02
H22 EDO P . 4.47 6.95 0.53
HO2 EDO P . 6.80 6.84 -0.33
C1 EDO Q . 0.15 14.48 -11.09
O1 EDO Q . 0.75 13.30 -11.59
C2 EDO Q . -0.59 14.21 -9.84
O2 EDO Q . 0.22 13.74 -8.77
H11 EDO Q . -0.47 14.84 -11.76
H12 EDO Q . 0.84 15.14 -10.92
HO1 EDO Q . 1.15 13.46 -12.31
H21 EDO Q . -1.28 13.54 -10.02
H22 EDO Q . -1.05 15.02 -9.56
HO2 EDO Q . 1.02 13.74 -9.00
C1 EDO R . -7.04 15.67 -22.19
O1 EDO R . -7.87 16.62 -22.85
C2 EDO R . -6.17 14.95 -23.13
O2 EDO R . -6.82 14.63 -24.35
H11 EDO R . -7.61 15.02 -21.73
H12 EDO R . -6.50 16.12 -21.53
HO1 EDO R . -8.32 17.03 -22.27
H21 EDO R . -5.85 14.13 -22.71
H22 EDO R . -5.38 15.51 -23.33
HO2 EDO R . -7.19 15.34 -24.66
C1 NAG S . -33.68 7.78 -13.51
C2 NAG S . -34.30 7.15 -14.78
C3 NAG S . -35.81 7.47 -14.89
C4 NAG S . -36.55 7.14 -13.57
C5 NAG S . -35.85 7.85 -12.39
C6 NAG S . -36.54 7.71 -11.01
C7 NAG S . -32.67 6.81 -16.62
C8 NAG S . -31.98 7.42 -17.81
N2 NAG S . -33.57 7.58 -15.99
O3 NAG S . -36.42 6.78 -16.01
O4 NAG S . -37.95 7.50 -13.67
O5 NAG S . -34.46 7.44 -12.34
O6 NAG S . -36.52 6.39 -10.44
O7 NAG S . -32.40 5.67 -16.25
H1 NAG S . -33.73 8.87 -13.65
H2 NAG S . -34.22 6.06 -14.69
H3 NAG S . -35.91 8.56 -15.06
H4 NAG S . -36.48 6.05 -13.41
H5 NAG S . -35.86 8.92 -12.63
H61 NAG S . -37.57 8.03 -11.10
H62 NAG S . -36.04 8.39 -10.31
H81 NAG S . -31.46 8.29 -17.51
H82 NAG S . -31.31 6.73 -18.23
H83 NAG S . -32.71 7.69 -18.53
HN2 NAG S . -33.75 8.51 -16.33
HO3 NAG S . -37.35 7.05 -16.11
HO4 NAG S . -38.40 7.20 -12.86
HO6 NAG S . -36.97 6.41 -9.58
C1 EDO T . 0.86 10.03 -10.76
O1 EDO T . -0.16 9.35 -11.46
C2 EDO T . 2.17 9.41 -10.98
O2 EDO T . 2.62 9.58 -12.30
H11 EDO T . 0.66 10.02 -9.81
H12 EDO T . 0.90 10.97 -11.06
HO1 EDO T . -0.91 9.74 -11.32
H21 EDO T . 2.10 8.46 -10.78
H22 EDO T . 2.82 9.82 -10.37
HO2 EDO T . 1.98 9.45 -12.84
C1 EDO U . -15.35 -5.05 4.74
O1 EDO U . -16.66 -5.03 5.20
C2 EDO U . -14.35 -4.86 5.83
O2 EDO U . -14.22 -6.04 6.58
H11 EDO U . -15.23 -4.34 4.08
H12 EDO U . -15.18 -5.91 4.31
HO1 EDO U . -17.19 -5.13 4.55
H21 EDO U . -14.63 -4.13 6.41
H22 EDO U . -13.48 -4.63 5.43
HO2 EDO U . -14.99 -6.33 6.79
C1 EDO V . 21.93 -15.97 5.97
O1 EDO V . 22.56 -15.02 5.16
C2 EDO V . 22.38 -15.94 7.39
O2 EDO V . 22.14 -14.66 8.00
H11 EDO V . 22.11 -16.87 5.60
H12 EDO V . 20.97 -15.82 5.93
HO1 EDO V . 22.27 -15.09 4.36
H21 EDO V . 23.33 -16.14 7.43
H22 EDO V . 21.90 -16.62 7.89
HO2 EDO V . 22.35 -14.05 7.46
C1 EDO W . -3.85 17.83 14.34
O1 EDO W . -4.20 18.18 13.01
C2 EDO W . -2.53 17.18 14.42
O2 EDO W . -1.73 17.61 15.49
H11 EDO W . -4.53 17.21 14.70
H12 EDO W . -3.85 18.64 14.89
HO1 EDO W . -4.98 18.55 13.00
H21 EDO W . -2.04 17.36 13.58
H22 EDO W . -2.65 16.22 14.48
HO2 EDO W . -2.17 17.55 16.21
C1 EDO X . 22.86 -18.76 13.12
O1 EDO X . 22.28 -17.47 13.06
C2 EDO X . 22.19 -19.76 12.23
O2 EDO X . 21.01 -19.29 11.55
H11 EDO X . 22.83 -19.09 14.04
H12 EDO X . 23.80 -18.69 12.85
HO1 EDO X . 22.70 -16.94 13.58
H21 EDO X . 21.95 -20.54 12.77
H22 EDO X . 22.84 -20.07 11.56
HO2 EDO X . 20.33 -19.71 11.85
C1 EDO Y . 12.44 -2.64 28.26
O1 EDO Y . 11.39 -2.84 27.30
C2 EDO Y . 13.65 -3.51 28.11
O2 EDO Y . 14.85 -2.87 27.62
H11 EDO Y . 12.07 -2.77 29.16
H12 EDO Y . 12.73 -1.70 28.21
HO1 EDO Y . 10.74 -2.38 27.48
H21 EDO Y . 13.41 -4.25 27.50
H22 EDO Y . 13.84 -3.91 28.98
HO2 EDO Y . 14.66 -2.38 26.97
C1 EDO Z . 5.83 25.27 2.44
O1 EDO Z . 5.06 24.91 3.57
C2 EDO Z . 6.99 24.38 2.20
O2 EDO Z . 6.76 23.46 1.15
H11 EDO Z . 6.17 26.18 2.55
H12 EDO Z . 5.26 25.26 1.64
HO1 EDO Z . 4.43 25.45 3.65
H21 EDO Z . 7.18 23.89 3.03
H22 EDO Z . 7.78 24.92 1.99
HO2 EDO Z . 6.11 22.96 1.37
C1 EDO AA . 1.14 25.44 11.98
O1 EDO AA . 1.29 25.18 10.58
C2 EDO AA . 0.27 24.48 12.70
O2 EDO AA . 1.00 23.58 13.55
H11 EDO AA . 0.76 26.35 12.08
H12 EDO AA . 2.02 25.45 12.38
HO1 EDO AA . 1.76 25.78 10.24
H21 EDO AA . -0.23 23.95 12.05
H22 EDO AA . -0.36 24.97 13.25
HO2 EDO AA . 1.56 23.16 13.09
C1 EDO BA . 20.61 2.08 11.42
O1 EDO BA . 19.31 1.90 11.98
C2 EDO BA . 20.68 2.35 9.96
O2 EDO BA . 20.94 1.18 9.20
H11 EDO BA . 21.13 1.27 11.61
H12 EDO BA . 21.03 2.82 11.89
HO1 EDO BA . 19.39 1.75 12.80
H21 EDO BA . 21.37 3.01 9.79
H22 EDO BA . 19.82 2.72 9.67
HO2 EDO BA . 20.40 0.57 9.42
C1 OIW CA . -0.22 6.00 -10.43
C2 OIW CA . -1.27 6.34 -9.38
C3 OIW CA . -2.49 6.92 -10.13
C4 OIW CA . -2.99 5.78 -11.03
C5 OIW CA . -1.96 5.52 -12.13
C6 OIW CA . -0.53 5.56 -11.64
O7 OIW CA . -4.24 6.07 -11.64
O8 OIW CA . -2.19 4.28 -12.74
O9 OIW CA . -3.47 7.34 -9.23
H2 OIW CA . -1.55 5.42 -8.88
H1 OIW CA . 0.82 6.04 -10.15
H21 OIW CA . -0.88 7.05 -8.64
H3 OIW CA . -2.16 7.76 -10.75
H4 OIW CA . -3.09 4.88 -10.42
H5 OIW CA . -2.07 6.31 -12.89
H6 OIW CA . 0.27 5.30 -12.32
HO7 OIW CA . -4.51 5.31 -12.20
HO8 OIW CA . -1.52 4.13 -13.44
HO9 OIW CA . -4.33 7.03 -9.52
NA NA DA . 6.91 3.62 -18.12
#